data_7FT4
#
_entry.id   7FT4
#
_cell.length_a   80.156
_cell.length_b   49.086
_cell.length_c   115.073
_cell.angle_alpha   90.000
_cell.angle_beta   95.030
_cell.angle_gamma   90.000
#
_symmetry.space_group_name_H-M   'P 1 21 1'
#
loop_
_entity.id
_entity.type
_entity.pdbx_description
1 polymer Syntenin-1
2 non-polymer N-[4-(2-amino-1,3-thiazol-4-yl)phenyl]acetamide
3 non-polymer 1,2-ETHANEDIOL
4 non-polymer 'D-GLUTAMIC ACID'
5 non-polymer GLYCINE
6 non-polymer 'SULFATE ION'
7 non-polymer ALANINE
8 water water
#
_entity_poly.entity_id   1
_entity_poly.type   'polypeptide(L)'
_entity_poly.pdbx_seq_one_letter_code
;SMAEIKQGIREVILCKDQDGKIGLRLKSIDNGIFVQLVQANSPASLVGLRFGDQVLQINGENCAGWSSDKAHKVLKQAFG
EKITMTIRDRPFERTITMHKDSTGHVGFIFKNGKITSIVKDSSAARNGLLTEHNICEINGQNVIGLKDSQIADILSTSGT
VVTITIMPAFIFEHIIKRMAPSIMKSLMDHTIPEV
;
_entity_poly.pdbx_strand_id   A,B,C,D
#
# COMPACT_ATOMS: atom_id res chain seq x y z
N ILE A 5 -6.07 8.76 -26.47
CA ILE A 5 -6.47 7.73 -25.46
C ILE A 5 -7.32 6.67 -26.19
N LYS A 6 -6.89 5.40 -26.14
CA LYS A 6 -7.61 4.28 -26.74
C LYS A 6 -8.46 3.60 -25.65
N GLN A 7 -9.78 3.49 -25.89
CA GLN A 7 -10.74 3.21 -24.84
C GLN A 7 -10.96 1.71 -24.66
N GLY A 8 -9.86 0.95 -24.81
CA GLY A 8 -9.83 -0.41 -24.32
C GLY A 8 -8.41 -0.88 -23.99
N ILE A 9 -8.35 -2.19 -23.85
CA ILE A 9 -7.20 -2.96 -23.46
C ILE A 9 -6.50 -3.45 -24.73
N ARG A 10 -5.17 -3.35 -24.80
CA ARG A 10 -4.43 -3.81 -25.96
C ARG A 10 -3.30 -4.72 -25.49
N GLU A 11 -2.75 -5.50 -26.41
CA GLU A 11 -1.65 -6.37 -26.03
C GLU A 11 -0.36 -5.91 -26.69
N VAL A 12 0.77 -6.08 -26.00
CA VAL A 12 2.07 -5.78 -26.57
C VAL A 12 3.06 -6.89 -26.20
N ILE A 13 4.05 -7.08 -27.05
CA ILE A 13 4.98 -8.19 -26.95
C ILE A 13 6.38 -7.61 -26.96
N LEU A 14 7.15 -7.92 -25.92
CA LEU A 14 8.39 -7.22 -25.64
C LEU A 14 9.53 -8.20 -25.78
N CYS A 15 10.70 -7.68 -26.20
CA CYS A 15 11.88 -8.50 -26.34
C CYS A 15 13.05 -7.77 -25.70
N LYS A 16 13.56 -8.32 -24.61
CA LYS A 16 14.76 -7.82 -23.95
C LYS A 16 15.78 -7.42 -25.02
N ASP A 17 16.56 -6.37 -24.76
CA ASP A 17 17.61 -5.96 -25.69
C ASP A 17 18.83 -6.83 -25.40
N GLN A 18 19.91 -6.59 -26.14
CA GLN A 18 21.21 -7.18 -25.87
C GLN A 18 21.49 -7.29 -24.38
N ASP A 19 21.16 -6.22 -23.64
CA ASP A 19 21.60 -6.05 -22.27
C ASP A 19 20.67 -6.74 -21.28
N GLY A 20 19.55 -7.28 -21.77
CA GLY A 20 18.54 -7.86 -20.90
C GLY A 20 17.61 -6.81 -20.31
N LYS A 21 17.43 -5.70 -21.06
CA LYS A 21 16.67 -4.54 -20.65
C LYS A 21 15.40 -4.38 -21.48
N ILE A 22 14.34 -3.89 -20.85
CA ILE A 22 13.17 -3.51 -21.62
C ILE A 22 13.00 -2.00 -21.66
N GLY A 23 13.68 -1.29 -20.76
CA GLY A 23 13.73 0.18 -20.77
C GLY A 23 12.51 0.81 -20.12
N LEU A 24 12.08 0.17 -19.02
CA LEU A 24 10.78 0.42 -18.45
C LEU A 24 10.87 0.39 -16.93
N ARG A 25 10.13 1.33 -16.33
CA ARG A 25 10.03 1.52 -14.90
C ARG A 25 8.55 1.67 -14.54
N LEU A 26 8.05 0.82 -13.64
CA LEU A 26 6.65 0.77 -13.25
C LEU A 26 6.44 1.33 -11.84
N LYS A 27 5.18 1.64 -11.46
CA LYS A 27 4.84 2.25 -10.18
C LYS A 27 3.44 1.81 -9.72
N SER A 28 3.33 1.39 -8.44
CA SER A 28 2.09 0.87 -7.87
C SER A 28 1.13 2.00 -7.49
N ILE A 29 0.08 2.20 -8.29
CA ILE A 29 -0.91 3.22 -7.98
C ILE A 29 -2.26 2.53 -7.82
N ASP A 30 -2.92 2.80 -6.69
CA ASP A 30 -4.32 2.42 -6.43
C ASP A 30 -4.47 0.94 -6.75
N ASN A 31 -3.47 0.13 -6.37
CA ASN A 31 -3.46 -1.32 -6.54
C ASN A 31 -3.42 -1.76 -8.02
N GLY A 32 -3.25 -0.80 -8.93
CA GLY A 32 -2.84 -1.11 -10.28
C GLY A 32 -1.32 -1.01 -10.38
N ILE A 33 -0.76 -1.35 -11.55
CA ILE A 33 0.64 -1.10 -11.84
C ILE A 33 0.71 -0.20 -13.07
N PHE A 34 1.52 0.84 -12.99
CA PHE A 34 1.49 1.90 -13.97
C PHE A 34 2.91 2.28 -14.38
N VAL A 35 3.04 2.82 -15.60
CA VAL A 35 4.32 3.13 -16.19
C VAL A 35 4.73 4.50 -15.68
N GLN A 36 5.83 4.48 -14.91
CA GLN A 36 6.46 5.66 -14.35
C GLN A 36 7.47 6.22 -15.36
N LEU A 37 8.16 5.35 -16.11
CA LEU A 37 9.31 5.80 -16.88
C LEU A 37 9.56 4.90 -18.08
N VAL A 38 9.64 5.51 -19.27
CA VAL A 38 10.08 4.76 -20.43
C VAL A 38 11.29 5.41 -21.08
N GLN A 39 12.33 4.57 -21.17
CA GLN A 39 13.66 4.89 -21.68
C GLN A 39 13.61 5.02 -23.20
N ALA A 40 14.23 6.07 -23.75
CA ALA A 40 14.39 6.19 -25.20
C ALA A 40 15.21 5.00 -25.68
N ASN A 41 14.90 4.56 -26.93
CA ASN A 41 15.67 3.55 -27.64
C ASN A 41 15.61 2.21 -26.93
N SER A 42 14.40 1.82 -26.52
CA SER A 42 14.26 0.61 -25.73
C SER A 42 13.15 -0.23 -26.31
N PRO A 43 13.06 -1.52 -25.97
CA PRO A 43 11.93 -2.32 -26.44
C PRO A 43 10.60 -1.67 -26.08
N ALA A 44 10.50 -1.06 -24.89
CA ALA A 44 9.23 -0.52 -24.43
C ALA A 44 8.83 0.68 -25.28
N SER A 45 9.81 1.50 -25.63
CA SER A 45 9.59 2.64 -26.50
C SER A 45 9.19 2.19 -27.92
N LEU A 46 9.71 1.04 -28.35
CA LEU A 46 9.46 0.54 -29.69
C LEU A 46 8.04 -0.01 -29.78
N VAL A 47 7.63 -0.72 -28.73
CA VAL A 47 6.33 -1.33 -28.74
C VAL A 47 5.27 -0.30 -28.38
N GLY A 48 5.72 0.89 -27.94
CA GLY A 48 4.81 2.01 -27.89
C GLY A 48 4.15 2.15 -26.54
N LEU A 49 4.77 1.59 -25.49
CA LEU A 49 4.40 1.90 -24.11
C LEU A 49 4.66 3.38 -23.83
N ARG A 50 3.81 3.94 -22.98
CA ARG A 50 3.68 5.36 -22.81
C ARG A 50 3.70 5.61 -21.30
N PHE A 51 4.04 6.84 -20.91
CA PHE A 51 3.92 7.23 -19.53
C PHE A 51 2.47 7.16 -19.08
N GLY A 52 2.24 6.56 -17.92
CA GLY A 52 0.90 6.55 -17.36
C GLY A 52 0.05 5.37 -17.87
N ASP A 53 0.64 4.47 -18.65
CA ASP A 53 -0.08 3.31 -19.11
C ASP A 53 -0.27 2.39 -17.89
N GLN A 54 -1.40 1.66 -17.89
CA GLN A 54 -1.63 0.60 -16.95
C GLN A 54 -1.18 -0.73 -17.55
N VAL A 55 -0.50 -1.52 -16.75
CA VAL A 55 -0.17 -2.87 -17.09
C VAL A 55 -1.16 -3.75 -16.35
N LEU A 56 -2.14 -4.32 -17.08
CA LEU A 56 -3.11 -5.22 -16.46
C LEU A 56 -2.48 -6.59 -16.25
N GLN A 57 -1.71 -7.06 -17.24
CA GLN A 57 -1.03 -8.35 -17.10
C GLN A 57 0.40 -8.28 -17.60
N ILE A 58 1.15 -9.33 -17.21
CA ILE A 58 2.45 -9.68 -17.76
C ILE A 58 2.52 -11.19 -17.89
N ASN A 59 2.54 -11.71 -19.11
CA ASN A 59 2.50 -13.14 -19.34
C ASN A 59 1.25 -13.78 -18.70
N GLY A 60 0.09 -13.12 -18.84
CA GLY A 60 -1.18 -13.72 -18.45
C GLY A 60 -1.48 -13.55 -16.98
N GLU A 61 -0.45 -13.62 -16.13
CA GLU A 61 -0.57 -13.40 -14.69
C GLU A 61 -1.01 -11.95 -14.41
N ASN A 62 -1.94 -11.76 -13.46
CA ASN A 62 -2.53 -10.44 -13.22
C ASN A 62 -1.65 -9.60 -12.28
N CYS A 63 -1.65 -8.28 -12.52
CA CYS A 63 -0.78 -7.32 -11.85
C CYS A 63 -1.42 -6.70 -10.61
N ALA A 64 -2.65 -7.08 -10.29
CA ALA A 64 -3.43 -6.47 -9.23
C ALA A 64 -2.70 -6.51 -7.88
N GLY A 65 -2.59 -5.35 -7.23
CA GLY A 65 -2.12 -5.27 -5.88
C GLY A 65 -0.61 -5.40 -5.73
N TRP A 66 0.08 -5.56 -6.87
CA TRP A 66 1.50 -5.87 -6.91
C TRP A 66 2.33 -4.65 -6.57
N SER A 67 3.49 -4.90 -5.96
CA SER A 67 4.41 -3.84 -5.60
C SER A 67 5.31 -3.55 -6.79
N SER A 68 5.71 -2.28 -6.93
CA SER A 68 6.66 -1.90 -7.97
C SER A 68 7.80 -2.91 -8.03
N ASP A 69 8.34 -3.29 -6.86
CA ASP A 69 9.53 -4.12 -6.82
C ASP A 69 9.20 -5.49 -7.42
N LYS A 70 8.03 -6.03 -7.05
CA LYS A 70 7.56 -7.31 -7.56
C LYS A 70 7.49 -7.27 -9.09
N ALA A 71 6.89 -6.22 -9.64
CA ALA A 71 6.68 -6.17 -11.07
C ALA A 71 8.02 -6.18 -11.77
N HIS A 72 8.98 -5.39 -11.26
CA HIS A 72 10.36 -5.43 -11.73
C HIS A 72 10.90 -6.85 -11.58
N LYS A 73 10.70 -7.46 -10.41
CA LYS A 73 11.16 -8.83 -10.17
C LYS A 73 10.66 -9.81 -11.23
N VAL A 74 9.41 -9.62 -11.68
CA VAL A 74 8.75 -10.54 -12.59
C VAL A 74 9.36 -10.39 -13.99
N LEU A 75 9.53 -9.14 -14.40
CA LEU A 75 10.13 -8.83 -15.68
C LEU A 75 11.53 -9.42 -15.81
N LYS A 76 12.25 -9.54 -14.70
CA LYS A 76 13.61 -10.03 -14.70
C LYS A 76 13.59 -11.54 -14.91
N GLN A 77 12.90 -12.25 -13.99
CA GLN A 77 12.85 -13.71 -13.93
C GLN A 77 12.30 -14.34 -15.21
N ALA A 78 11.61 -13.54 -16.05
CA ALA A 78 10.94 -14.06 -17.25
C ALA A 78 11.92 -14.33 -18.40
N PHE A 79 11.63 -15.36 -19.21
CA PHE A 79 12.40 -15.66 -20.42
C PHE A 79 12.04 -14.65 -21.51
N GLY A 80 13.05 -13.92 -21.97
CA GLY A 80 12.85 -12.58 -22.50
C GLY A 80 12.66 -12.53 -24.01
N GLU A 81 12.56 -13.72 -24.64
CA GLU A 81 12.37 -13.83 -26.08
C GLU A 81 10.98 -13.32 -26.46
N LYS A 82 10.07 -13.28 -25.47
CA LYS A 82 8.70 -12.85 -25.70
C LYS A 82 8.06 -12.59 -24.34
N ILE A 83 7.87 -11.30 -24.01
CA ILE A 83 7.06 -10.90 -22.85
C ILE A 83 5.79 -10.23 -23.34
N THR A 84 4.66 -10.74 -22.89
CA THR A 84 3.36 -10.27 -23.31
C THR A 84 2.73 -9.48 -22.18
N MET A 85 2.51 -8.19 -22.41
CA MET A 85 1.85 -7.36 -21.43
C MET A 85 0.48 -6.94 -21.96
N THR A 86 -0.45 -6.70 -21.04
CA THR A 86 -1.79 -6.24 -21.34
C THR A 86 -2.00 -4.87 -20.71
N ILE A 87 -2.38 -3.91 -21.55
CA ILE A 87 -2.15 -2.50 -21.30
C ILE A 87 -3.48 -1.78 -21.46
N ARG A 88 -3.88 -0.97 -20.46
CA ARG A 88 -4.99 -0.04 -20.65
C ARG A 88 -4.34 1.29 -20.99
N ASP A 89 -4.81 1.96 -22.04
CA ASP A 89 -4.12 3.14 -22.55
C ASP A 89 -4.33 4.31 -21.60
N ARG A 90 -3.22 4.94 -21.20
CA ARG A 90 -3.15 6.06 -20.27
C ARG A 90 -4.48 6.37 -19.58
N PRO A 91 -4.94 5.55 -18.62
CA PRO A 91 -6.26 5.74 -17.98
C PRO A 91 -6.52 7.06 -17.27
N PHE A 92 -5.48 7.52 -16.54
CA PHE A 92 -5.50 8.74 -15.77
C PHE A 92 -5.35 9.96 -16.66
N GLU A 93 -5.22 9.82 -17.97
CA GLU A 93 -5.04 11.03 -18.74
C GLU A 93 -6.24 11.25 -19.65
N ARG A 94 -6.40 12.50 -20.08
CA ARG A 94 -7.26 12.84 -21.22
C ARG A 94 -6.47 13.72 -22.17
N THR A 95 -7.07 13.98 -23.33
CA THR A 95 -6.45 14.80 -24.35
C THR A 95 -7.38 15.91 -24.76
N ILE A 96 -6.83 17.12 -24.83
CA ILE A 96 -7.57 18.31 -25.20
C ILE A 96 -6.96 18.84 -26.49
N THR A 97 -7.83 19.39 -27.36
CA THR A 97 -7.40 19.83 -28.67
C THR A 97 -7.72 21.32 -28.80
N MET A 98 -6.66 22.13 -28.96
CA MET A 98 -6.84 23.57 -29.02
C MET A 98 -6.36 24.11 -30.35
N HIS A 99 -6.75 25.36 -30.63
CA HIS A 99 -6.44 26.08 -31.86
C HIS A 99 -5.86 27.43 -31.47
N LYS A 100 -4.64 27.71 -31.97
CA LYS A 100 -3.94 28.90 -31.51
C LYS A 100 -4.64 30.16 -32.04
N ASP A 101 -4.75 31.17 -31.18
CA ASP A 101 -5.13 32.50 -31.64
C ASP A 101 -4.05 33.02 -32.59
N SER A 102 -4.45 33.89 -33.53
CA SER A 102 -3.55 34.51 -34.51
C SER A 102 -2.38 35.26 -33.85
N THR A 103 -2.36 35.33 -32.52
CA THR A 103 -1.17 35.65 -31.74
C THR A 103 -0.32 34.42 -31.42
N GLY A 104 -0.75 33.22 -31.84
CA GLY A 104 -0.12 31.95 -31.46
C GLY A 104 -0.14 31.66 -29.96
N HIS A 105 -1.35 31.62 -29.37
CA HIS A 105 -1.57 31.15 -28.00
C HIS A 105 -2.76 30.21 -27.97
N VAL A 106 -2.69 29.14 -27.16
CA VAL A 106 -3.86 28.30 -26.93
C VAL A 106 -4.60 28.84 -25.70
N GLY A 107 -3.83 29.47 -24.84
CA GLY A 107 -4.33 30.45 -23.90
C GLY A 107 -4.40 29.87 -22.50
N PHE A 108 -3.23 29.44 -21.98
CA PHE A 108 -3.07 29.09 -20.57
C PHE A 108 -1.66 29.38 -20.05
N ILE A 109 -1.54 29.35 -18.72
CA ILE A 109 -0.30 29.52 -18.00
C ILE A 109 -0.08 28.28 -17.14
N PHE A 110 1.20 27.90 -17.06
CA PHE A 110 1.66 26.66 -16.51
C PHE A 110 3.06 26.91 -15.96
N LYS A 111 3.41 26.19 -14.88
CA LYS A 111 4.69 26.34 -14.21
C LYS A 111 5.08 24.97 -13.65
N ASN A 112 6.32 24.52 -13.87
CA ASN A 112 6.72 23.16 -13.58
C ASN A 112 5.85 22.15 -14.33
N GLY A 113 5.38 22.51 -15.52
CA GLY A 113 4.59 21.56 -16.28
C GLY A 113 3.16 21.39 -15.74
N LYS A 114 2.78 22.14 -14.70
CA LYS A 114 1.42 22.11 -14.21
C LYS A 114 0.64 23.37 -14.59
N ILE A 115 -0.50 23.20 -15.27
CA ILE A 115 -1.25 24.33 -15.80
C ILE A 115 -1.85 25.08 -14.62
N THR A 116 -1.54 26.39 -14.52
CA THR A 116 -1.89 27.15 -13.34
C THR A 116 -3.02 28.11 -13.63
N SER A 117 -3.33 28.39 -14.90
CA SER A 117 -4.31 29.42 -15.16
C SER A 117 -4.83 29.33 -16.59
N ILE A 118 -6.12 29.67 -16.78
CA ILE A 118 -6.75 29.63 -18.08
C ILE A 118 -7.23 31.04 -18.42
N VAL A 119 -7.08 31.44 -19.67
CA VAL A 119 -7.29 32.80 -20.11
C VAL A 119 -8.61 32.95 -20.88
N LYS A 120 -9.28 34.10 -20.71
CA LYS A 120 -10.64 34.26 -21.23
C LYS A 120 -10.60 34.30 -22.75
N ASP A 121 -11.72 33.90 -23.35
CA ASP A 121 -11.87 33.85 -24.80
C ASP A 121 -10.76 33.01 -25.46
N SER A 122 -10.10 32.11 -24.70
CA SER A 122 -9.04 31.29 -25.27
C SER A 122 -9.57 29.94 -25.73
N SER A 123 -8.82 29.32 -26.62
CA SER A 123 -9.23 28.02 -27.10
C SER A 123 -9.20 27.07 -25.91
N ALA A 124 -8.28 27.34 -24.98
CA ALA A 124 -8.09 26.48 -23.83
C ALA A 124 -9.27 26.60 -22.87
N ALA A 125 -9.86 27.80 -22.85
CA ALA A 125 -11.05 28.08 -22.08
C ALA A 125 -12.24 27.40 -22.74
N ARG A 126 -12.41 27.61 -24.07
CA ARG A 126 -13.50 27.00 -24.83
C ARG A 126 -13.46 25.49 -24.67
N ASN A 127 -12.28 24.89 -24.63
CA ASN A 127 -12.13 23.45 -24.63
C ASN A 127 -12.13 22.89 -23.21
N GLY A 128 -12.25 23.76 -22.22
CA GLY A 128 -12.43 23.26 -20.88
C GLY A 128 -11.15 22.66 -20.35
N LEU A 129 -10.04 23.33 -20.66
CA LEU A 129 -8.77 22.98 -20.06
C LEU A 129 -8.85 23.30 -18.58
N LEU A 130 -8.20 22.48 -17.75
CA LEU A 130 -8.27 22.59 -16.31
C LEU A 130 -6.87 22.86 -15.77
N THR A 131 -6.82 23.53 -14.62
CA THR A 131 -5.61 23.78 -13.86
C THR A 131 -5.35 22.63 -12.88
N GLU A 132 -4.28 22.72 -12.13
CA GLU A 132 -3.89 21.61 -11.27
C GLU A 132 -3.81 20.34 -12.11
N HIS A 133 -3.44 20.48 -13.39
CA HIS A 133 -3.17 19.36 -14.29
C HIS A 133 -1.72 19.42 -14.79
N ASN A 134 -1.02 18.29 -14.74
CA ASN A 134 0.35 18.22 -15.22
C ASN A 134 0.38 17.81 -16.68
N ILE A 135 1.13 18.59 -17.50
CA ILE A 135 1.22 18.31 -18.91
C ILE A 135 2.10 17.08 -19.08
N CYS A 136 1.57 16.06 -19.75
CA CYS A 136 2.25 14.78 -19.95
C CYS A 136 2.82 14.66 -21.37
N GLU A 137 1.99 15.01 -22.36
CA GLU A 137 2.35 14.88 -23.76
C GLU A 137 1.88 16.13 -24.45
N ILE A 138 2.52 16.43 -25.59
CA ILE A 138 2.03 17.40 -26.55
C ILE A 138 2.20 16.77 -27.93
N ASN A 139 1.13 16.82 -28.73
CA ASN A 139 1.15 16.16 -30.03
C ASN A 139 1.91 14.84 -29.94
N GLY A 140 1.51 13.99 -29.01
CA GLY A 140 2.05 12.63 -28.94
C GLY A 140 3.42 12.51 -28.27
N GLN A 141 4.12 13.63 -28.06
CA GLN A 141 5.45 13.62 -27.51
C GLN A 141 5.43 13.80 -26.01
N ASN A 142 6.06 12.88 -25.27
CA ASN A 142 6.21 12.98 -23.83
C ASN A 142 7.14 14.15 -23.45
N VAL A 143 6.67 15.12 -22.63
CA VAL A 143 7.42 16.33 -22.34
C VAL A 143 7.64 16.43 -20.84
N ILE A 144 7.74 15.27 -20.17
CA ILE A 144 7.81 15.28 -18.72
C ILE A 144 9.27 15.36 -18.29
N GLY A 145 9.62 16.40 -17.51
CA GLY A 145 11.01 16.63 -17.14
C GLY A 145 11.61 17.81 -17.91
N LEU A 146 11.23 17.94 -19.18
CA LEU A 146 11.60 19.11 -19.98
C LEU A 146 11.29 20.37 -19.21
N LYS A 147 12.16 21.36 -19.35
CA LYS A 147 12.02 22.57 -18.58
C LYS A 147 10.83 23.30 -19.17
N ASP A 148 10.30 24.26 -18.41
CA ASP A 148 9.08 24.91 -18.84
C ASP A 148 9.41 25.62 -20.14
N SER A 149 10.64 26.13 -20.23
CA SER A 149 11.12 26.81 -21.43
C SER A 149 11.00 25.92 -22.64
N GLN A 150 11.44 24.66 -22.52
CA GLN A 150 11.45 23.75 -23.65
C GLN A 150 10.02 23.35 -24.03
N ILE A 151 9.17 23.10 -23.01
CA ILE A 151 7.75 22.84 -23.29
C ILE A 151 7.14 24.01 -24.07
N ALA A 152 7.48 25.22 -23.61
CA ALA A 152 7.01 26.45 -24.21
C ALA A 152 7.39 26.51 -25.69
N ASP A 153 8.61 26.03 -26.01
CA ASP A 153 9.09 26.00 -27.40
C ASP A 153 8.36 24.95 -28.22
N ILE A 154 8.04 23.79 -27.60
CA ILE A 154 7.33 22.74 -28.31
C ILE A 154 5.98 23.28 -28.76
N LEU A 155 5.35 24.06 -27.90
CA LEU A 155 4.03 24.57 -28.20
C LEU A 155 4.16 25.63 -29.29
N SER A 156 5.29 26.35 -29.25
CA SER A 156 5.64 27.34 -30.26
C SER A 156 5.87 26.68 -31.61
N THR A 157 6.59 25.55 -31.62
CA THR A 157 7.00 24.92 -32.86
C THR A 157 5.83 24.19 -33.52
N SER A 158 4.81 23.84 -32.71
CA SER A 158 3.70 23.07 -33.23
C SER A 158 2.82 23.90 -34.15
N GLY A 159 1.98 23.21 -34.92
CA GLY A 159 1.12 23.87 -35.86
C GLY A 159 0.04 24.67 -35.15
N THR A 160 -0.94 25.11 -35.93
CA THR A 160 -2.11 25.82 -35.43
C THR A 160 -2.82 24.94 -34.40
N VAL A 161 -2.90 23.63 -34.70
CA VAL A 161 -3.65 22.68 -33.86
C VAL A 161 -2.69 22.03 -32.88
N VAL A 162 -3.08 22.05 -31.60
CA VAL A 162 -2.24 21.52 -30.55
C VAL A 162 -3.05 20.50 -29.77
N THR A 163 -2.35 19.49 -29.28
CA THR A 163 -2.97 18.38 -28.60
C THR A 163 -2.18 18.16 -27.32
N ILE A 164 -2.87 18.19 -26.18
CA ILE A 164 -2.18 18.06 -24.93
C ILE A 164 -2.79 16.89 -24.17
N THR A 165 -1.92 16.05 -23.66
CA THR A 165 -2.31 15.01 -22.75
C THR A 165 -1.97 15.48 -21.34
N ILE A 166 -2.95 15.44 -20.43
CA ILE A 166 -2.86 16.04 -19.12
C ILE A 166 -3.23 14.99 -18.08
N MET A 167 -2.74 15.16 -16.81
CA MET A 167 -2.97 14.19 -15.75
C MET A 167 -3.14 14.90 -14.41
N PRO A 168 -4.29 14.73 -13.70
CA PRO A 168 -4.56 15.52 -12.50
C PRO A 168 -3.31 15.55 -11.65
N ALA A 169 -2.87 16.75 -11.26
CA ALA A 169 -1.58 16.90 -10.58
C ALA A 169 -1.49 15.97 -9.38
N PHE A 170 -2.54 15.86 -8.56
N PHE A 170 -2.54 15.84 -8.57
CA PHE A 170 -2.46 14.96 -7.43
CA PHE A 170 -2.46 14.96 -7.42
C PHE A 170 -1.95 13.59 -7.88
C PHE A 170 -2.00 13.57 -7.86
N ILE A 171 -2.34 13.16 -9.08
CA ILE A 171 -1.99 11.83 -9.58
C ILE A 171 -0.59 11.87 -10.19
N PHE A 172 -0.31 12.89 -10.97
CA PHE A 172 1.02 13.04 -11.53
C PHE A 172 2.07 12.98 -10.42
N GLU A 173 1.91 13.80 -9.38
CA GLU A 173 2.86 13.82 -8.26
C GLU A 173 3.00 12.44 -7.66
N HIS A 174 1.88 11.75 -7.45
CA HIS A 174 1.96 10.43 -6.87
C HIS A 174 2.73 9.50 -7.78
N ILE A 175 2.63 9.68 -9.11
CA ILE A 175 3.30 8.74 -10.01
C ILE A 175 4.81 9.01 -10.05
N ILE A 176 5.21 10.26 -10.24
CA ILE A 176 6.60 10.64 -10.50
C ILE A 176 7.34 10.89 -9.19
N LYS A 177 7.21 9.97 -8.23
CA LYS A 177 7.99 9.97 -7.00
C LYS A 177 8.90 8.75 -7.00
N ARG A 178 10.02 8.85 -6.26
CA ARG A 178 11.12 7.89 -6.31
C ARG A 178 11.89 8.14 -7.61
N MET A 179 12.02 9.44 -7.94
CA MET A 179 12.67 9.94 -9.15
C MET A 179 12.89 11.45 -9.05
N ALA A 180 14.11 11.90 -9.39
CA ALA A 180 14.44 13.32 -9.45
C ALA A 180 13.83 13.96 -10.70
N PRO A 181 13.56 15.28 -10.72
CA PRO A 181 12.86 15.92 -11.85
C PRO A 181 13.65 16.10 -13.16
N SER A 182 14.98 16.32 -13.06
CA SER A 182 15.83 16.48 -14.23
C SER A 182 16.57 15.17 -14.57
N ILE A 183 16.34 14.13 -13.75
CA ILE A 183 16.53 12.75 -14.15
C ILE A 183 15.51 12.42 -15.23
N MET A 184 14.25 12.77 -14.95
CA MET A 184 13.16 12.60 -15.89
C MET A 184 13.44 13.36 -17.19
N LYS A 185 14.14 14.50 -17.08
CA LYS A 185 14.56 15.25 -18.26
C LYS A 185 15.48 14.40 -19.14
N SER A 186 16.24 13.48 -18.52
CA SER A 186 17.22 12.64 -19.21
C SER A 186 16.58 11.35 -19.65
N LEU A 187 16.15 10.56 -18.66
CA LEU A 187 15.74 9.17 -18.85
C LEU A 187 14.47 9.03 -19.70
N MET A 188 13.46 9.89 -19.47
CA MET A 188 12.14 9.72 -20.06
C MET A 188 12.21 9.95 -21.56
N ASP A 189 11.63 9.01 -22.33
CA ASP A 189 11.69 9.10 -23.78
C ASP A 189 10.90 10.34 -24.16
N HIS A 190 11.54 11.28 -24.87
CA HIS A 190 10.84 12.49 -25.27
C HIS A 190 10.81 12.59 -26.78
N THR A 191 10.87 11.45 -27.47
CA THR A 191 10.96 11.46 -28.92
C THR A 191 9.59 11.38 -29.54
N ILE A 192 9.47 11.98 -30.73
CA ILE A 192 8.35 11.71 -31.62
C ILE A 192 8.37 10.22 -31.98
N PRO A 193 7.23 9.50 -32.11
CA PRO A 193 7.28 8.05 -32.36
C PRO A 193 7.78 7.66 -33.74
N GLU A 194 8.39 6.47 -33.81
CA GLU A 194 8.94 5.88 -35.02
C GLU A 194 7.76 5.31 -35.79
N VAL A 195 7.95 4.97 -37.09
CA VAL A 195 6.91 4.33 -37.88
C VAL A 195 7.59 3.43 -38.92
N ALA B 3 34.43 -14.94 2.49
CA ALA B 3 35.69 -14.96 3.25
C ALA B 3 36.87 -14.47 2.38
N GLU B 4 37.48 -15.38 1.60
CA GLU B 4 38.73 -15.14 0.90
C GLU B 4 38.56 -14.06 -0.18
N ILE B 5 39.55 -13.16 -0.30
CA ILE B 5 39.49 -12.05 -1.24
C ILE B 5 39.71 -12.60 -2.65
N LYS B 6 38.84 -12.22 -3.60
CA LYS B 6 38.91 -12.66 -5.00
C LYS B 6 39.86 -11.74 -5.76
N GLN B 7 40.88 -12.32 -6.40
CA GLN B 7 41.83 -11.56 -7.21
C GLN B 7 41.15 -11.16 -8.52
N GLY B 8 41.84 -10.34 -9.34
CA GLY B 8 41.24 -9.78 -10.55
C GLY B 8 39.91 -9.08 -10.26
N ILE B 9 39.02 -9.08 -11.26
CA ILE B 9 37.94 -8.11 -11.37
C ILE B 9 36.63 -8.85 -11.61
N ARG B 10 35.46 -8.24 -11.33
CA ARG B 10 34.19 -8.90 -11.56
C ARG B 10 33.10 -7.89 -11.92
N GLU B 11 32.04 -8.36 -12.59
CA GLU B 11 30.97 -7.47 -13.02
C GLU B 11 29.70 -7.80 -12.25
N VAL B 12 29.13 -6.75 -11.66
CA VAL B 12 27.88 -6.88 -10.93
C VAL B 12 26.82 -6.01 -11.60
N ILE B 13 25.58 -6.40 -11.36
CA ILE B 13 24.41 -5.85 -12.03
C ILE B 13 23.36 -5.59 -10.98
N LEU B 14 22.88 -4.34 -10.92
CA LEU B 14 22.02 -3.84 -9.85
C LEU B 14 20.78 -3.23 -10.45
N CYS B 15 19.74 -3.14 -9.63
CA CYS B 15 18.54 -2.43 -10.01
C CYS B 15 18.07 -1.51 -8.89
N LYS B 16 17.95 -0.20 -9.16
CA LYS B 16 17.38 0.73 -8.20
C LYS B 16 16.00 0.24 -7.75
N ASP B 17 15.90 -0.14 -6.46
CA ASP B 17 14.65 -0.48 -5.78
C ASP B 17 13.61 0.61 -6.01
N GLN B 18 12.42 0.42 -5.45
CA GLN B 18 11.29 1.30 -5.73
C GLN B 18 11.46 2.68 -5.12
N ASP B 19 12.55 2.92 -4.38
CA ASP B 19 12.84 4.20 -3.77
C ASP B 19 13.91 4.98 -4.54
N GLY B 20 14.51 4.38 -5.59
CA GLY B 20 15.59 5.01 -6.33
C GLY B 20 16.97 4.76 -5.70
N LYS B 21 17.05 3.81 -4.75
CA LYS B 21 18.26 3.54 -3.98
C LYS B 21 18.81 2.19 -4.41
N ILE B 22 20.13 2.07 -4.50
CA ILE B 22 20.74 0.76 -4.65
C ILE B 22 21.38 0.37 -3.33
N GLY B 23 21.43 1.35 -2.39
CA GLY B 23 21.77 1.09 -1.01
C GLY B 23 23.28 1.07 -0.77
N LEU B 24 23.92 2.19 -1.16
CA LEU B 24 25.38 2.33 -1.18
C LEU B 24 25.79 3.74 -0.79
N ARG B 25 26.98 3.83 -0.22
CA ARG B 25 27.75 5.06 -0.29
C ARG B 25 29.14 4.70 -0.84
N LEU B 26 29.71 5.67 -1.59
CA LEU B 26 30.96 5.55 -2.30
C LEU B 26 31.88 6.67 -1.82
N LYS B 27 33.18 6.36 -1.68
CA LYS B 27 34.18 7.30 -1.20
C LYS B 27 35.38 7.29 -2.13
N SER B 28 35.80 8.49 -2.55
CA SER B 28 37.01 8.69 -3.34
C SER B 28 38.25 8.45 -2.47
N ILE B 29 39.09 7.48 -2.87
CA ILE B 29 40.30 7.14 -2.13
C ILE B 29 41.43 6.84 -3.11
N ASP B 30 42.45 7.72 -3.11
CA ASP B 30 43.66 7.55 -3.90
C ASP B 30 43.26 7.43 -5.35
N ASN B 31 42.47 8.40 -5.84
CA ASN B 31 41.96 8.44 -7.20
C ASN B 31 41.25 7.16 -7.61
N GLY B 32 40.89 6.34 -6.61
CA GLY B 32 39.89 5.30 -6.80
C GLY B 32 38.53 5.73 -6.23
N ILE B 33 37.51 4.89 -6.47
CA ILE B 33 36.23 4.93 -5.77
C ILE B 33 35.99 3.64 -4.98
N PHE B 34 35.59 3.77 -3.72
CA PHE B 34 35.37 2.61 -2.87
C PHE B 34 34.12 2.74 -1.99
N VAL B 35 33.60 1.56 -1.64
CA VAL B 35 32.34 1.44 -0.96
C VAL B 35 32.62 1.66 0.51
N GLN B 36 31.95 2.68 1.08
CA GLN B 36 32.07 2.98 2.49
C GLN B 36 30.86 2.45 3.28
N LEU B 37 29.77 2.09 2.59
CA LEU B 37 28.54 1.65 3.25
C LEU B 37 27.69 0.82 2.29
N VAL B 38 27.20 -0.32 2.79
CA VAL B 38 26.13 -1.05 2.13
C VAL B 38 24.96 -1.17 3.10
N GLN B 39 23.73 -1.01 2.64
CA GLN B 39 22.55 -1.19 3.48
C GLN B 39 21.99 -2.62 3.43
N ALA B 40 21.43 -3.08 4.57
CA ALA B 40 20.77 -4.36 4.62
C ALA B 40 19.57 -4.31 3.69
N ASN B 41 19.29 -5.42 3.01
CA ASN B 41 18.10 -5.56 2.18
C ASN B 41 18.14 -4.48 1.13
N SER B 42 19.26 -4.46 0.42
CA SER B 42 19.41 -3.49 -0.64
C SER B 42 19.88 -4.22 -1.88
N PRO B 43 19.60 -3.66 -3.09
CA PRO B 43 20.15 -4.24 -4.30
C PRO B 43 21.60 -4.63 -4.07
N ALA B 44 22.36 -3.73 -3.43
CA ALA B 44 23.80 -3.91 -3.34
C ALA B 44 24.16 -5.04 -2.39
N SER B 45 23.54 -5.07 -1.19
CA SER B 45 23.65 -6.25 -0.34
C SER B 45 23.39 -7.49 -1.19
N LEU B 46 22.21 -7.54 -1.82
CA LEU B 46 21.70 -8.73 -2.47
C LEU B 46 22.59 -9.16 -3.63
N VAL B 47 23.23 -8.22 -4.33
CA VAL B 47 24.06 -8.62 -5.46
C VAL B 47 25.49 -8.87 -4.99
N GLY B 48 25.80 -8.66 -3.70
CA GLY B 48 27.02 -9.19 -3.09
C GLY B 48 28.14 -8.16 -2.93
N LEU B 49 27.78 -6.87 -3.00
CA LEU B 49 28.75 -5.80 -2.76
C LEU B 49 29.06 -5.68 -1.27
N ARG B 50 30.33 -5.35 -0.97
CA ARG B 50 30.84 -5.37 0.39
C ARG B 50 31.65 -4.10 0.69
N PHE B 51 31.68 -3.73 1.96
CA PHE B 51 32.46 -2.60 2.40
C PHE B 51 33.87 -2.74 1.84
N GLY B 52 34.44 -1.65 1.35
CA GLY B 52 35.82 -1.69 0.90
C GLY B 52 35.97 -2.09 -0.58
N ASP B 53 34.95 -2.68 -1.20
CA ASP B 53 35.07 -2.94 -2.62
C ASP B 53 35.54 -1.67 -3.35
N GLN B 54 36.38 -1.88 -4.37
CA GLN B 54 36.67 -0.82 -5.33
C GLN B 54 35.69 -0.87 -6.50
N VAL B 55 35.24 0.30 -6.93
CA VAL B 55 34.42 0.34 -8.10
C VAL B 55 35.25 0.91 -9.25
N LEU B 56 35.54 0.05 -10.22
CA LEU B 56 36.38 0.43 -11.34
C LEU B 56 35.55 1.18 -12.36
N GLN B 57 34.41 0.60 -12.72
CA GLN B 57 33.49 1.14 -13.72
C GLN B 57 32.06 1.22 -13.16
N ILE B 58 31.26 2.09 -13.80
CA ILE B 58 29.82 2.13 -13.64
C ILE B 58 29.22 2.43 -15.02
N ASN B 59 28.42 1.48 -15.54
CA ASN B 59 27.87 1.61 -16.87
C ASN B 59 29.03 1.78 -17.85
N GLY B 60 30.02 0.89 -17.72
CA GLY B 60 31.29 0.97 -18.44
C GLY B 60 31.83 2.38 -18.61
N GLU B 61 31.87 3.15 -17.53
CA GLU B 61 32.56 4.44 -17.47
C GLU B 61 33.51 4.35 -16.28
N ASN B 62 34.72 4.90 -16.37
CA ASN B 62 35.78 4.56 -15.42
C ASN B 62 35.66 5.46 -14.21
N CYS B 63 35.84 4.90 -13.01
CA CYS B 63 35.66 5.65 -11.79
C CYS B 63 36.93 6.41 -11.41
N ALA B 64 37.99 6.28 -12.23
CA ALA B 64 39.28 6.84 -11.89
C ALA B 64 39.22 8.36 -11.82
N GLY B 65 39.68 8.92 -10.70
CA GLY B 65 39.72 10.36 -10.51
C GLY B 65 38.46 10.90 -9.83
N TRP B 66 37.37 10.14 -9.93
CA TRP B 66 36.06 10.58 -9.50
C TRP B 66 36.09 10.94 -8.01
N SER B 67 35.60 12.16 -7.71
CA SER B 67 35.14 12.54 -6.37
C SER B 67 33.92 11.68 -6.00
N SER B 68 33.66 11.59 -4.69
CA SER B 68 32.52 10.89 -4.14
C SER B 68 31.23 11.49 -4.70
N ASP B 69 31.24 12.83 -4.78
CA ASP B 69 30.09 13.60 -5.22
C ASP B 69 29.80 13.33 -6.68
N LYS B 70 30.87 13.16 -7.48
CA LYS B 70 30.65 12.81 -8.86
C LYS B 70 30.01 11.42 -8.92
N ALA B 71 30.34 10.54 -7.98
CA ALA B 71 29.98 9.14 -8.17
C ALA B 71 28.54 8.92 -7.73
N HIS B 72 28.21 9.48 -6.56
CA HIS B 72 26.83 9.59 -6.12
C HIS B 72 25.98 10.33 -7.16
N LYS B 73 26.46 11.43 -7.73
CA LYS B 73 25.65 12.13 -8.69
C LYS B 73 25.36 11.22 -9.87
N VAL B 74 26.30 10.33 -10.19
CA VAL B 74 26.17 9.53 -11.40
C VAL B 74 25.12 8.44 -11.18
N LEU B 75 25.15 7.86 -9.98
CA LEU B 75 24.25 6.78 -9.60
C LEU B 75 22.84 7.33 -9.47
N LYS B 76 22.71 8.50 -8.84
CA LYS B 76 21.47 9.23 -8.75
C LYS B 76 20.86 9.44 -10.14
N GLN B 77 21.69 9.84 -11.11
CA GLN B 77 21.21 10.12 -12.47
C GLN B 77 20.90 8.85 -13.24
N ALA B 78 21.52 7.72 -12.87
CA ALA B 78 21.44 6.51 -13.69
C ALA B 78 20.02 5.94 -13.75
N PHE B 79 19.61 5.54 -14.95
CA PHE B 79 18.40 4.77 -15.10
C PHE B 79 18.55 3.47 -14.32
N GLY B 80 17.51 3.08 -13.58
CA GLY B 80 17.67 2.21 -12.44
C GLY B 80 17.27 0.77 -12.71
N GLU B 81 17.03 0.41 -13.99
CA GLU B 81 16.64 -0.95 -14.36
C GLU B 81 17.83 -1.89 -14.33
N LYS B 82 18.92 -1.44 -14.92
CA LYS B 82 20.14 -2.23 -14.87
C LYS B 82 21.31 -1.26 -14.86
N ILE B 83 22.08 -1.38 -13.80
CA ILE B 83 23.30 -0.61 -13.65
C ILE B 83 24.43 -1.62 -13.57
N THR B 84 25.42 -1.46 -14.44
CA THR B 84 26.55 -2.38 -14.43
C THR B 84 27.71 -1.68 -13.77
N MET B 85 28.32 -2.39 -12.83
CA MET B 85 29.56 -1.95 -12.22
C MET B 85 30.62 -3.03 -12.40
N THR B 86 31.86 -2.59 -12.48
CA THR B 86 33.01 -3.48 -12.44
C THR B 86 33.70 -3.29 -11.09
N ILE B 87 33.88 -4.41 -10.38
CA ILE B 87 34.38 -4.44 -9.03
C ILE B 87 35.71 -5.19 -8.96
N ARG B 88 36.64 -4.65 -8.17
CA ARG B 88 37.77 -5.41 -7.62
C ARG B 88 37.46 -5.63 -6.13
N ASP B 89 37.63 -6.85 -5.65
CA ASP B 89 37.09 -7.27 -4.38
C ASP B 89 38.02 -6.83 -3.26
N ARG B 90 37.49 -6.05 -2.31
CA ARG B 90 38.18 -5.58 -1.10
C ARG B 90 39.70 -5.49 -1.28
N PRO B 91 40.23 -4.58 -2.13
CA PRO B 91 41.66 -4.54 -2.40
C PRO B 91 42.54 -4.29 -1.18
N PHE B 92 42.15 -3.30 -0.35
CA PHE B 92 42.91 -2.95 0.85
C PHE B 92 42.75 -4.01 1.94
N GLU B 93 41.90 -5.00 1.71
CA GLU B 93 41.64 -5.98 2.74
C GLU B 93 42.43 -7.25 2.48
N ARG B 94 42.31 -8.14 3.48
CA ARG B 94 42.94 -9.43 3.51
C ARG B 94 42.22 -10.23 4.60
N THR B 95 42.01 -11.51 4.34
CA THR B 95 41.46 -12.43 5.32
C THR B 95 42.59 -13.16 6.00
N ILE B 96 42.29 -13.65 7.21
CA ILE B 96 43.19 -14.48 7.99
C ILE B 96 42.36 -15.57 8.65
N THR B 97 42.93 -16.78 8.75
CA THR B 97 42.21 -17.85 9.42
C THR B 97 43.02 -18.34 10.62
N MET B 98 42.29 -18.64 11.70
CA MET B 98 42.82 -18.85 13.03
C MET B 98 41.87 -19.79 13.75
N HIS B 99 42.35 -20.55 14.75
CA HIS B 99 41.52 -21.56 15.42
C HIS B 99 41.52 -21.39 16.93
N LYS B 100 40.35 -21.06 17.47
CA LYS B 100 40.13 -21.14 18.90
C LYS B 100 41.06 -22.22 19.48
N ASP B 101 41.44 -22.04 20.75
CA ASP B 101 42.12 -23.09 21.47
C ASP B 101 41.07 -23.71 22.39
N SER B 102 41.51 -24.61 23.29
CA SER B 102 40.59 -25.15 24.28
C SER B 102 39.83 -24.01 24.94
N THR B 103 40.58 -22.97 25.36
CA THR B 103 40.03 -21.81 26.06
C THR B 103 39.09 -21.04 25.14
N GLY B 104 39.26 -21.25 23.83
CA GLY B 104 38.31 -20.75 22.84
C GLY B 104 38.68 -19.33 22.41
N HIS B 105 39.98 -19.11 22.16
CA HIS B 105 40.55 -17.81 21.90
C HIS B 105 41.53 -17.87 20.72
N VAL B 106 41.41 -16.88 19.84
CA VAL B 106 42.16 -16.83 18.59
C VAL B 106 43.45 -16.05 18.85
N GLY B 107 43.37 -15.17 19.85
CA GLY B 107 44.54 -14.67 20.55
C GLY B 107 44.88 -13.23 20.20
N PHE B 108 43.92 -12.32 20.31
CA PHE B 108 44.22 -10.92 20.07
C PHE B 108 43.39 -10.02 21.00
N ILE B 109 43.88 -8.79 21.18
CA ILE B 109 43.09 -7.78 21.85
C ILE B 109 42.72 -6.72 20.82
N PHE B 110 41.51 -6.16 20.91
CA PHE B 110 41.13 -5.04 20.08
C PHE B 110 40.32 -4.02 20.89
N LYS B 111 40.05 -2.85 20.26
CA LYS B 111 39.29 -1.75 20.85
C LYS B 111 38.75 -0.84 19.75
N ASN B 112 37.49 -0.42 19.89
CA ASN B 112 36.76 0.17 18.80
C ASN B 112 37.14 -0.57 17.53
N GLY B 113 37.00 -1.89 17.59
CA GLY B 113 37.16 -2.74 16.42
C GLY B 113 38.52 -2.60 15.73
N LYS B 114 39.55 -2.20 16.49
CA LYS B 114 40.89 -2.15 15.97
C LYS B 114 41.81 -3.03 16.78
N ILE B 115 42.67 -3.79 16.10
CA ILE B 115 43.47 -4.80 16.77
C ILE B 115 44.67 -4.09 17.40
N THR B 116 44.81 -4.27 18.73
CA THR B 116 45.88 -3.57 19.44
C THR B 116 46.97 -4.51 19.91
N SER B 117 46.66 -5.76 20.17
CA SER B 117 47.66 -6.63 20.75
C SER B 117 47.41 -8.05 20.21
N ILE B 118 48.50 -8.79 19.98
CA ILE B 118 48.44 -10.16 19.51
C ILE B 118 48.97 -11.01 20.65
N VAL B 119 48.14 -11.90 21.20
CA VAL B 119 48.60 -12.75 22.30
C VAL B 119 49.74 -13.66 21.82
N LYS B 120 50.65 -14.00 22.74
CA LYS B 120 51.87 -14.74 22.45
C LYS B 120 51.51 -16.20 22.20
N ASP B 121 52.28 -16.91 21.35
CA ASP B 121 52.04 -18.33 21.10
C ASP B 121 50.53 -18.62 21.05
N SER B 122 49.82 -17.86 20.22
CA SER B 122 48.41 -18.07 19.97
C SER B 122 48.20 -18.22 18.47
N SER B 123 46.97 -18.55 18.07
CA SER B 123 46.70 -18.75 16.66
C SER B 123 46.95 -17.44 15.91
N ALA B 124 46.47 -16.34 16.51
CA ALA B 124 46.53 -15.05 15.84
C ALA B 124 47.98 -14.70 15.53
N ALA B 125 48.89 -15.19 16.36
CA ALA B 125 50.30 -14.93 16.17
C ALA B 125 50.91 -15.88 15.14
N ARG B 126 50.52 -17.15 15.23
CA ARG B 126 50.92 -18.17 14.27
C ARG B 126 50.54 -17.72 12.86
N ASN B 127 49.24 -17.37 12.72
CA ASN B 127 48.66 -17.05 11.44
C ASN B 127 48.98 -15.61 11.02
N GLY B 128 49.76 -14.89 11.84
CA GLY B 128 50.40 -13.64 11.45
C GLY B 128 49.52 -12.38 11.59
N LEU B 129 48.49 -12.40 12.46
CA LEU B 129 47.56 -11.29 12.60
C LEU B 129 48.33 -10.01 12.95
N LEU B 130 47.81 -8.87 12.51
CA LEU B 130 48.52 -7.60 12.60
C LEU B 130 47.70 -6.63 13.45
N THR B 131 48.42 -5.76 14.18
CA THR B 131 47.82 -4.74 15.00
C THR B 131 47.67 -3.50 14.14
N GLU B 132 46.99 -2.47 14.66
CA GLU B 132 46.75 -1.27 13.88
C GLU B 132 45.98 -1.65 12.62
N HIS B 133 45.12 -2.69 12.76
CA HIS B 133 44.22 -3.17 11.72
C HIS B 133 42.78 -3.18 12.25
N ASN B 134 41.87 -2.66 11.45
CA ASN B 134 40.46 -2.63 11.81
C ASN B 134 39.83 -3.96 11.41
N ILE B 135 39.04 -4.56 12.31
CA ILE B 135 38.28 -5.75 12.00
C ILE B 135 37.09 -5.32 11.17
N CYS B 136 37.05 -5.71 9.89
CA CYS B 136 36.01 -5.33 8.95
C CYS B 136 34.93 -6.42 8.91
N GLU B 137 35.36 -7.68 8.91
CA GLU B 137 34.45 -8.79 8.73
C GLU B 137 34.93 -9.97 9.56
N ILE B 138 33.95 -10.70 10.13
CA ILE B 138 34.16 -11.99 10.78
C ILE B 138 33.38 -13.06 10.02
N ASN B 139 34.09 -14.07 9.50
CA ASN B 139 33.38 -15.13 8.80
C ASN B 139 32.50 -14.54 7.71
N GLY B 140 33.01 -13.51 7.04
CA GLY B 140 32.31 -12.96 5.90
C GLY B 140 31.20 -12.00 6.28
N GLN B 141 31.02 -11.79 7.59
CA GLN B 141 30.01 -10.88 8.10
C GLN B 141 30.63 -9.53 8.47
N ASN B 142 30.12 -8.46 7.83
CA ASN B 142 30.47 -7.07 8.11
C ASN B 142 30.13 -6.71 9.55
N VAL B 143 31.16 -6.39 10.34
CA VAL B 143 30.97 -6.05 11.74
C VAL B 143 31.32 -4.58 11.98
N ILE B 144 31.23 -3.75 10.95
CA ILE B 144 31.77 -2.40 11.10
C ILE B 144 30.69 -1.51 11.70
N GLY B 145 31.02 -0.87 12.81
CA GLY B 145 30.07 0.03 13.46
C GLY B 145 29.39 -0.64 14.66
N LEU B 146 29.52 -1.97 14.77
CA LEU B 146 29.15 -2.72 15.95
C LEU B 146 29.99 -2.29 17.15
N LYS B 147 29.54 -2.64 18.36
CA LYS B 147 30.24 -2.26 19.58
C LYS B 147 31.18 -3.38 19.98
N ASP B 148 32.29 -3.04 20.61
CA ASP B 148 33.29 -4.06 20.81
C ASP B 148 32.63 -5.28 21.44
N SER B 149 31.62 -5.04 22.27
CA SER B 149 30.91 -6.15 22.90
C SER B 149 30.27 -7.04 21.84
N GLN B 150 29.62 -6.45 20.85
CA GLN B 150 28.94 -7.22 19.82
C GLN B 150 29.95 -8.03 19.01
N ILE B 151 31.09 -7.43 18.64
CA ILE B 151 32.11 -8.13 17.87
C ILE B 151 32.68 -9.30 18.67
N ALA B 152 32.60 -9.22 19.99
CA ALA B 152 33.08 -10.30 20.82
C ALA B 152 32.02 -11.41 20.90
N ASP B 153 30.73 -11.03 20.74
CA ASP B 153 29.65 -12.01 20.73
C ASP B 153 29.70 -12.86 19.45
N ILE B 154 30.19 -12.25 18.37
CA ILE B 154 30.17 -12.85 17.05
C ILE B 154 31.38 -13.77 16.89
N LEU B 155 32.40 -13.55 17.73
CA LEU B 155 33.52 -14.46 17.78
C LEU B 155 33.18 -15.63 18.69
N SER B 156 32.25 -15.43 19.62
CA SER B 156 31.98 -16.42 20.65
C SER B 156 31.06 -17.50 20.11
N THR B 157 30.19 -17.10 19.18
CA THR B 157 29.24 -18.01 18.57
C THR B 157 29.86 -18.65 17.34
N SER B 158 31.00 -18.13 16.89
CA SER B 158 31.68 -18.67 15.73
C SER B 158 32.28 -20.04 16.09
N GLY B 159 33.06 -20.67 15.20
CA GLY B 159 33.51 -22.04 15.40
C GLY B 159 35.02 -22.20 15.33
N THR B 160 35.53 -23.32 15.84
CA THR B 160 36.97 -23.52 15.99
C THR B 160 37.71 -22.61 15.02
N VAL B 161 37.48 -22.85 13.73
CA VAL B 161 38.12 -22.05 12.70
C VAL B 161 37.25 -20.82 12.47
N VAL B 162 37.92 -19.67 12.62
CA VAL B 162 37.34 -18.32 12.57
C VAL B 162 38.14 -17.54 11.54
N THR B 163 37.45 -16.80 10.69
CA THR B 163 38.17 -16.03 9.68
C THR B 163 37.82 -14.56 9.87
N ILE B 164 38.88 -13.76 9.88
CA ILE B 164 38.72 -12.34 10.13
C ILE B 164 39.30 -11.61 8.91
N THR B 165 38.52 -10.64 8.42
CA THR B 165 39.00 -9.74 7.39
C THR B 165 39.46 -8.48 8.10
N ILE B 166 40.53 -7.86 7.60
CA ILE B 166 41.13 -6.71 8.26
C ILE B 166 41.66 -5.74 7.22
N MET B 167 41.90 -4.50 7.65
CA MET B 167 42.26 -3.41 6.76
C MET B 167 43.14 -2.40 7.51
N PRO B 168 44.29 -1.98 6.96
CA PRO B 168 45.16 -1.01 7.66
C PRO B 168 44.34 0.14 8.29
N ALA B 169 44.59 0.41 9.58
CA ALA B 169 43.81 1.43 10.29
C ALA B 169 43.85 2.78 9.59
N PHE B 170 45.02 3.25 9.14
N PHE B 170 45.02 3.26 9.17
CA PHE B 170 45.11 4.55 8.51
CA PHE B 170 45.09 4.56 8.52
C PHE B 170 44.14 4.63 7.33
C PHE B 170 44.11 4.63 7.35
N ILE B 171 43.90 3.50 6.67
CA ILE B 171 43.01 3.41 5.51
C ILE B 171 41.55 3.21 5.94
N PHE B 172 41.27 2.37 6.93
CA PHE B 172 39.93 2.27 7.47
C PHE B 172 39.40 3.67 7.87
N GLU B 173 40.22 4.44 8.59
CA GLU B 173 39.83 5.79 8.96
C GLU B 173 39.64 6.67 7.73
N HIS B 174 40.47 6.52 6.71
CA HIS B 174 40.30 7.35 5.52
C HIS B 174 38.94 7.06 4.88
N ILE B 175 38.56 5.78 4.70
CA ILE B 175 37.36 5.43 3.94
C ILE B 175 36.08 5.86 4.68
N ILE B 176 36.07 5.80 6.02
CA ILE B 176 34.85 6.15 6.73
C ILE B 176 34.63 7.66 6.86
N LYS B 177 35.57 8.48 6.35
CA LYS B 177 35.46 9.93 6.39
C LYS B 177 34.30 10.40 5.50
N ARG B 178 33.86 11.66 5.71
CA ARG B 178 32.69 12.22 5.07
C ARG B 178 31.44 11.37 5.32
N MET B 179 31.38 10.67 6.46
CA MET B 179 30.24 9.82 6.77
C MET B 179 30.07 9.78 8.27
N ALA B 180 28.89 10.26 8.71
CA ALA B 180 28.61 10.53 10.10
C ALA B 180 28.42 9.21 10.86
N PRO B 181 29.13 8.99 11.98
CA PRO B 181 29.15 7.69 12.65
C PRO B 181 27.81 7.10 13.05
N SER B 182 26.74 7.92 13.07
CA SER B 182 25.41 7.40 13.39
C SER B 182 24.76 6.81 12.13
N ILE B 183 25.08 7.35 10.93
CA ILE B 183 24.71 6.71 9.68
C ILE B 183 25.37 5.32 9.59
N MET B 184 26.70 5.30 9.78
CA MET B 184 27.46 4.08 9.57
C MET B 184 27.01 3.04 10.59
N LYS B 185 26.77 3.48 11.83
CA LYS B 185 26.43 2.59 12.92
C LYS B 185 25.07 1.98 12.66
N SER B 186 24.15 2.79 12.11
CA SER B 186 22.79 2.37 11.86
C SER B 186 22.73 1.64 10.52
N LEU B 187 23.03 2.34 9.41
CA LEU B 187 22.72 1.84 8.08
C LEU B 187 23.60 0.68 7.61
N MET B 188 24.71 0.37 8.31
CA MET B 188 25.68 -0.58 7.74
C MET B 188 25.09 -1.97 7.81
N ASP B 189 25.29 -2.73 6.72
CA ASP B 189 24.73 -4.05 6.52
C ASP B 189 25.60 -5.04 7.26
N HIS B 190 25.02 -5.83 8.19
CA HIS B 190 25.77 -6.85 8.91
C HIS B 190 25.14 -8.21 8.71
N THR B 191 24.48 -8.37 7.55
CA THR B 191 23.88 -9.61 7.10
C THR B 191 24.87 -10.76 7.18
N ILE B 192 24.37 -11.92 7.62
CA ILE B 192 25.19 -13.12 7.63
C ILE B 192 25.18 -13.71 6.21
N PRO B 193 26.37 -14.07 5.65
CA PRO B 193 26.45 -14.72 4.33
C PRO B 193 25.41 -15.81 4.05
N GLU B 194 24.57 -15.53 3.02
CA GLU B 194 23.55 -16.43 2.51
C GLU B 194 24.14 -17.27 1.38
N VAL B 195 23.58 -18.46 1.18
CA VAL B 195 23.94 -19.25 0.01
C VAL B 195 22.69 -19.51 -0.85
N ALA C 3 -23.94 4.66 -19.87
CA ALA C 3 -22.79 4.00 -19.20
C ALA C 3 -21.48 4.51 -19.80
N GLU C 4 -21.28 4.27 -21.11
CA GLU C 4 -19.97 4.36 -21.77
C GLU C 4 -19.57 5.81 -22.03
N ILE C 5 -18.36 6.18 -21.58
CA ILE C 5 -17.84 7.55 -21.64
C ILE C 5 -17.48 7.87 -23.10
N LYS C 6 -18.33 8.71 -23.75
CA LYS C 6 -17.99 9.45 -24.96
C LYS C 6 -16.74 10.30 -24.71
N GLN C 7 -15.95 10.56 -25.77
CA GLN C 7 -14.79 11.43 -25.67
C GLN C 7 -14.93 12.61 -26.65
N GLY C 8 -16.18 13.04 -26.85
CA GLY C 8 -16.49 14.23 -27.62
C GLY C 8 -17.08 15.35 -26.76
N ILE C 9 -17.29 16.51 -27.41
CA ILE C 9 -18.01 17.65 -26.86
C ILE C 9 -19.38 17.71 -27.54
N ARG C 10 -20.45 17.49 -26.77
CA ARG C 10 -21.81 17.61 -27.30
C ARG C 10 -22.49 18.85 -26.70
N GLU C 11 -23.65 19.20 -27.26
CA GLU C 11 -24.43 20.34 -26.81
C GLU C 11 -25.77 19.81 -26.30
N VAL C 12 -26.43 20.53 -25.39
CA VAL C 12 -27.75 20.13 -24.91
C VAL C 12 -28.64 21.37 -24.78
N ILE C 13 -29.86 21.27 -25.31
CA ILE C 13 -30.83 22.35 -25.23
C ILE C 13 -31.80 22.01 -24.10
N LEU C 14 -32.17 23.01 -23.30
CA LEU C 14 -32.96 22.79 -22.09
C LEU C 14 -34.02 23.87 -21.94
N CYS C 15 -35.13 23.50 -21.31
CA CYS C 15 -36.10 24.47 -20.79
C CYS C 15 -36.30 24.19 -19.30
N LYS C 16 -36.47 25.25 -18.50
CA LYS C 16 -36.72 25.10 -17.08
C LYS C 16 -38.13 24.57 -16.89
N ASP C 17 -38.35 23.81 -15.81
CA ASP C 17 -39.66 23.21 -15.52
C ASP C 17 -40.57 24.31 -14.97
N GLN C 18 -41.65 23.88 -14.29
CA GLN C 18 -42.71 24.77 -13.82
C GLN C 18 -42.19 25.64 -12.68
N ASP C 19 -41.37 25.03 -11.83
CA ASP C 19 -40.71 25.76 -10.75
C ASP C 19 -39.64 26.70 -11.31
N GLY C 20 -39.39 26.71 -12.64
CA GLY C 20 -38.35 27.53 -13.26
C GLY C 20 -36.95 27.03 -12.92
N LYS C 21 -36.89 25.71 -12.62
CA LYS C 21 -35.71 24.94 -12.29
C LYS C 21 -35.40 23.95 -13.40
N ILE C 22 -34.10 23.79 -13.72
CA ILE C 22 -33.62 22.69 -14.54
C ILE C 22 -33.17 21.51 -13.69
N GLY C 23 -32.83 21.72 -12.41
CA GLY C 23 -32.62 20.62 -11.47
C GLY C 23 -31.18 20.13 -11.54
N LEU C 24 -30.26 21.05 -11.19
CA LEU C 24 -28.82 20.86 -11.29
C LEU C 24 -28.14 21.48 -10.08
N ARG C 25 -27.09 20.82 -9.58
CA ARG C 25 -26.11 21.45 -8.72
C ARG C 25 -24.75 21.41 -9.44
N LEU C 26 -24.06 22.55 -9.44
CA LEU C 26 -22.80 22.76 -10.15
C LEU C 26 -21.67 23.12 -9.20
N LYS C 27 -20.41 22.90 -9.64
CA LYS C 27 -19.26 22.97 -8.75
C LYS C 27 -17.98 23.36 -9.53
N SER C 28 -17.17 24.26 -8.93
CA SER C 28 -15.86 24.62 -9.45
C SER C 28 -14.86 23.50 -9.19
N ILE C 29 -14.30 22.93 -10.27
CA ILE C 29 -13.17 22.03 -10.07
C ILE C 29 -12.08 22.44 -11.07
N ASP C 30 -10.94 22.89 -10.56
CA ASP C 30 -9.74 23.05 -11.37
C ASP C 30 -10.02 24.02 -12.51
N ASN C 31 -10.62 25.16 -12.15
CA ASN C 31 -11.13 26.20 -13.04
C ASN C 31 -12.00 25.62 -14.12
N GLY C 32 -12.59 24.47 -13.79
CA GLY C 32 -13.71 23.90 -14.52
C GLY C 32 -15.01 23.98 -13.71
N ILE C 33 -16.13 23.88 -14.43
CA ILE C 33 -17.44 23.77 -13.82
C ILE C 33 -17.99 22.38 -14.11
N PHE C 34 -18.30 21.62 -13.06
CA PHE C 34 -18.83 20.29 -13.22
C PHE C 34 -20.21 20.15 -12.55
N VAL C 35 -20.89 19.03 -12.84
CA VAL C 35 -22.16 18.66 -12.27
C VAL C 35 -21.94 17.85 -11.00
N GLN C 36 -22.37 18.37 -9.82
CA GLN C 36 -22.37 17.56 -8.61
C GLN C 36 -23.78 17.03 -8.27
N LEU C 37 -24.84 17.59 -8.85
CA LEU C 37 -26.13 16.93 -8.72
C LEU C 37 -27.05 17.21 -9.90
N VAL C 38 -27.66 16.12 -10.39
CA VAL C 38 -28.84 16.12 -11.25
C VAL C 38 -30.02 15.58 -10.41
N GLN C 39 -31.19 16.21 -10.49
CA GLN C 39 -32.40 15.62 -9.90
C GLN C 39 -33.21 14.81 -10.92
N ALA C 40 -33.76 13.67 -10.48
CA ALA C 40 -34.64 12.84 -11.31
C ALA C 40 -35.79 13.67 -11.87
N ASN C 41 -36.30 13.29 -13.04
N ASN C 41 -36.30 13.29 -13.04
CA ASN C 41 -37.51 13.88 -13.60
CA ASN C 41 -37.51 13.87 -13.60
C ASN C 41 -37.37 15.39 -13.66
C ASN C 41 -37.37 15.39 -13.67
N SER C 42 -36.15 15.83 -13.98
CA SER C 42 -35.82 17.25 -14.10
C SER C 42 -35.41 17.49 -15.54
N PRO C 43 -35.61 18.70 -16.10
CA PRO C 43 -35.17 18.98 -17.45
C PRO C 43 -33.73 18.52 -17.68
N ALA C 44 -32.99 18.36 -16.59
CA ALA C 44 -31.59 17.97 -16.61
C ALA C 44 -31.41 16.47 -16.85
N SER C 45 -31.99 15.60 -16.03
CA SER C 45 -31.70 14.18 -16.13
C SER C 45 -32.36 13.60 -17.38
N LEU C 46 -33.45 14.26 -17.80
CA LEU C 46 -34.20 13.86 -18.97
C LEU C 46 -33.33 13.99 -20.19
N VAL C 47 -32.73 15.18 -20.33
CA VAL C 47 -32.04 15.57 -21.54
C VAL C 47 -30.65 14.90 -21.55
N GLY C 48 -30.24 14.29 -20.44
CA GLY C 48 -29.07 13.42 -20.42
C GLY C 48 -27.92 13.85 -19.48
N LEU C 49 -27.98 15.03 -18.82
CA LEU C 49 -26.90 15.41 -17.93
C LEU C 49 -26.77 14.37 -16.83
N ARG C 50 -25.51 14.09 -16.48
CA ARG C 50 -25.14 13.11 -15.48
C ARG C 50 -24.17 13.78 -14.53
N PHE C 51 -24.12 13.25 -13.29
CA PHE C 51 -23.11 13.64 -12.33
C PHE C 51 -21.71 13.50 -12.91
N GLY C 52 -20.85 14.51 -12.71
CA GLY C 52 -19.46 14.38 -13.09
C GLY C 52 -19.20 15.01 -14.46
N ASP C 53 -20.29 15.37 -15.12
CA ASP C 53 -20.25 16.02 -16.41
C ASP C 53 -19.59 17.38 -16.26
N GLN C 54 -19.00 17.87 -17.35
CA GLN C 54 -18.33 19.16 -17.41
C GLN C 54 -19.09 20.07 -18.35
N VAL C 55 -19.41 21.24 -17.83
CA VAL C 55 -20.07 22.28 -18.60
C VAL C 55 -19.01 23.27 -19.11
N LEU C 56 -18.64 23.17 -20.39
CA LEU C 56 -17.68 24.09 -20.92
C LEU C 56 -18.34 25.44 -21.17
N GLN C 57 -19.55 25.43 -21.74
CA GLN C 57 -20.23 26.69 -21.97
C GLN C 57 -21.66 26.61 -21.43
N ILE C 58 -22.25 27.79 -21.18
CA ILE C 58 -23.68 27.94 -20.94
C ILE C 58 -24.12 29.15 -21.75
N ASN C 59 -25.17 28.93 -22.56
CA ASN C 59 -25.61 29.84 -23.61
C ASN C 59 -24.39 30.49 -24.26
N GLY C 60 -23.41 29.70 -24.72
CA GLY C 60 -22.41 30.19 -25.65
C GLY C 60 -21.40 31.13 -24.98
N GLU C 61 -21.19 30.87 -23.68
CA GLU C 61 -20.20 31.57 -22.89
C GLU C 61 -19.37 30.57 -22.08
N ASN C 62 -18.05 30.79 -22.10
CA ASN C 62 -17.10 29.93 -21.42
C ASN C 62 -17.33 29.97 -19.93
N CYS C 63 -17.31 28.76 -19.35
CA CYS C 63 -17.49 28.53 -17.92
C CYS C 63 -16.16 28.58 -17.17
N ALA C 64 -15.01 28.52 -17.89
CA ALA C 64 -13.71 28.51 -17.25
C ALA C 64 -13.58 29.74 -16.33
N GLY C 65 -13.16 29.50 -15.09
CA GLY C 65 -13.02 30.57 -14.12
C GLY C 65 -14.14 30.57 -13.07
N TRP C 66 -15.34 30.26 -13.56
CA TRP C 66 -16.56 30.51 -12.83
C TRP C 66 -16.50 29.86 -11.45
N SER C 67 -16.86 30.65 -10.43
CA SER C 67 -17.18 30.07 -9.14
C SER C 67 -18.50 29.32 -9.30
N SER C 68 -18.68 28.25 -8.52
CA SER C 68 -19.97 27.63 -8.35
C SER C 68 -21.05 28.70 -8.42
N ASP C 69 -20.94 29.68 -7.51
CA ASP C 69 -21.97 30.67 -7.25
C ASP C 69 -22.31 31.40 -8.54
N LYS C 70 -21.29 31.61 -9.39
CA LYS C 70 -21.50 32.37 -10.62
C LYS C 70 -22.35 31.57 -11.62
N ALA C 71 -22.05 30.27 -11.75
CA ALA C 71 -22.80 29.40 -12.64
C ALA C 71 -24.29 29.41 -12.26
N HIS C 72 -24.55 29.22 -10.96
CA HIS C 72 -25.91 29.20 -10.46
C HIS C 72 -26.64 30.45 -10.95
N LYS C 73 -26.09 31.63 -10.66
CA LYS C 73 -26.80 32.87 -11.00
C LYS C 73 -26.96 33.01 -12.52
N VAL C 74 -26.01 32.52 -13.30
CA VAL C 74 -26.16 32.54 -14.74
C VAL C 74 -27.43 31.77 -15.09
N LEU C 75 -27.51 30.54 -14.58
CA LEU C 75 -28.68 29.69 -14.80
C LEU C 75 -29.95 30.35 -14.25
N LYS C 76 -29.92 30.74 -12.97
CA LYS C 76 -31.06 31.35 -12.30
C LYS C 76 -31.58 32.53 -13.12
N GLN C 77 -30.69 33.25 -13.81
CA GLN C 77 -31.07 34.49 -14.46
C GLN C 77 -31.32 34.26 -15.94
N ALA C 78 -31.21 33.00 -16.36
CA ALA C 78 -31.47 32.63 -17.74
C ALA C 78 -32.95 32.28 -17.90
N PHE C 79 -33.67 33.17 -18.56
CA PHE C 79 -35.09 32.93 -18.76
C PHE C 79 -35.37 33.04 -20.24
N GLY C 80 -34.47 32.44 -21.02
CA GLY C 80 -34.73 32.24 -22.43
C GLY C 80 -35.87 31.24 -22.63
N GLU C 81 -36.30 31.14 -23.89
CA GLU C 81 -37.13 30.02 -24.31
C GLU C 81 -36.30 28.74 -24.19
N LYS C 82 -34.98 28.85 -24.42
CA LYS C 82 -34.06 27.72 -24.39
C LYS C 82 -32.77 28.08 -23.64
N ILE C 83 -32.21 27.10 -22.92
CA ILE C 83 -30.89 27.19 -22.31
C ILE C 83 -29.95 26.21 -23.02
N THR C 84 -29.00 26.72 -23.86
CA THR C 84 -27.98 25.85 -24.45
C THR C 84 -26.80 25.69 -23.50
N MET C 85 -26.41 24.43 -23.23
CA MET C 85 -25.15 24.11 -22.57
C MET C 85 -24.30 23.26 -23.51
N THR C 86 -22.97 23.40 -23.38
CA THR C 86 -22.04 22.52 -24.04
C THR C 86 -21.28 21.67 -23.02
N ILE C 87 -21.20 20.36 -23.28
CA ILE C 87 -20.83 19.38 -22.28
C ILE C 87 -19.72 18.46 -22.81
N ARG C 88 -18.71 18.20 -21.97
CA ARG C 88 -17.83 17.07 -22.11
C ARG C 88 -18.24 16.07 -21.05
N ASP C 89 -18.09 14.76 -21.34
CA ASP C 89 -18.82 13.68 -20.67
C ASP C 89 -17.93 13.02 -19.64
N ARG C 90 -18.48 12.93 -18.43
CA ARG C 90 -17.80 12.43 -17.25
C ARG C 90 -16.27 12.39 -17.41
N PRO C 91 -15.60 13.54 -17.62
CA PRO C 91 -14.15 13.60 -17.89
C PRO C 91 -13.25 12.98 -16.83
N PHE C 92 -13.76 12.92 -15.59
CA PHE C 92 -12.97 12.39 -14.50
C PHE C 92 -13.23 10.90 -14.28
N GLU C 93 -14.01 10.25 -15.13
CA GLU C 93 -14.54 8.93 -14.78
C GLU C 93 -14.14 7.93 -15.83
N ARG C 94 -14.07 6.65 -15.44
N ARG C 94 -14.05 6.65 -15.45
CA ARG C 94 -13.80 5.57 -16.37
CA ARG C 94 -13.77 5.57 -16.37
C ARG C 94 -14.73 4.42 -16.05
C ARG C 94 -14.70 4.41 -16.06
N THR C 95 -15.20 3.76 -17.12
CA THR C 95 -16.07 2.59 -17.00
C THR C 95 -15.24 1.34 -17.15
N ILE C 96 -15.46 0.38 -16.26
CA ILE C 96 -14.79 -0.90 -16.33
C ILE C 96 -15.87 -1.98 -16.47
N THR C 97 -15.73 -2.87 -17.47
CA THR C 97 -16.66 -3.96 -17.64
C THR C 97 -16.05 -5.25 -17.13
N MET C 98 -16.79 -5.93 -16.25
CA MET C 98 -16.29 -7.12 -15.60
C MET C 98 -17.37 -8.19 -15.72
N HIS C 99 -16.99 -9.46 -15.52
CA HIS C 99 -17.85 -10.63 -15.64
C HIS C 99 -17.87 -11.36 -14.29
N LYS C 100 -19.01 -11.32 -13.60
CA LYS C 100 -19.20 -12.10 -12.38
C LYS C 100 -18.61 -13.50 -12.52
N ASP C 101 -18.19 -14.09 -11.39
CA ASP C 101 -17.61 -15.43 -11.42
C ASP C 101 -18.75 -16.45 -11.36
N SER C 102 -18.48 -17.64 -10.82
CA SER C 102 -19.52 -18.62 -10.56
C SER C 102 -20.44 -18.13 -9.45
N THR C 103 -19.85 -17.84 -8.27
CA THR C 103 -20.59 -17.51 -7.07
C THR C 103 -21.21 -16.11 -7.19
N GLY C 104 -21.11 -15.51 -8.39
CA GLY C 104 -21.77 -14.25 -8.70
C GLY C 104 -21.03 -13.07 -8.11
N HIS C 105 -19.70 -13.17 -8.11
CA HIS C 105 -18.82 -12.17 -7.51
C HIS C 105 -17.89 -11.60 -8.58
N VAL C 106 -17.71 -10.28 -8.58
CA VAL C 106 -16.90 -9.58 -9.58
C VAL C 106 -15.43 -9.50 -9.14
N GLY C 107 -15.20 -9.01 -7.92
CA GLY C 107 -13.98 -9.27 -7.16
C GLY C 107 -13.45 -8.05 -6.42
N PHE C 108 -14.34 -7.27 -5.79
CA PHE C 108 -13.92 -6.07 -5.09
C PHE C 108 -14.70 -5.84 -3.80
N ILE C 109 -14.06 -5.10 -2.88
CA ILE C 109 -14.65 -4.66 -1.62
C ILE C 109 -14.79 -3.14 -1.68
N PHE C 110 -15.70 -2.56 -0.89
CA PHE C 110 -16.01 -1.15 -1.04
C PHE C 110 -16.79 -0.62 0.16
N LYS C 111 -16.40 0.57 0.66
CA LYS C 111 -17.09 1.24 1.74
C LYS C 111 -17.39 2.67 1.31
N ASN C 112 -18.58 3.16 1.65
CA ASN C 112 -19.06 4.45 1.20
C ASN C 112 -19.07 4.58 -0.34
N GLY C 113 -19.41 3.47 -1.04
CA GLY C 113 -19.35 3.44 -2.48
C GLY C 113 -17.97 3.85 -2.98
N LYS C 114 -16.90 3.26 -2.41
CA LYS C 114 -15.51 3.55 -2.76
C LYS C 114 -14.69 2.27 -2.65
N ILE C 115 -14.11 1.84 -3.77
CA ILE C 115 -13.50 0.53 -3.82
C ILE C 115 -12.30 0.53 -2.89
N THR C 116 -12.01 -0.63 -2.29
CA THR C 116 -11.07 -0.70 -1.19
C THR C 116 -10.22 -1.96 -1.25
N SER C 117 -10.57 -2.92 -2.11
CA SER C 117 -9.74 -4.09 -2.27
C SER C 117 -10.09 -4.79 -3.57
N ILE C 118 -9.11 -5.34 -4.29
CA ILE C 118 -9.38 -6.21 -5.44
C ILE C 118 -9.04 -7.64 -5.05
N VAL C 119 -9.92 -8.59 -5.37
CA VAL C 119 -9.65 -10.00 -5.09
C VAL C 119 -8.64 -10.51 -6.11
N LYS C 120 -7.73 -11.37 -5.65
CA LYS C 120 -6.83 -12.04 -6.56
C LYS C 120 -7.65 -12.84 -7.58
N ASP C 121 -7.22 -12.74 -8.84
CA ASP C 121 -7.72 -13.55 -9.93
C ASP C 121 -9.21 -13.33 -10.16
N SER C 122 -9.73 -12.14 -9.81
CA SER C 122 -11.11 -11.78 -10.14
C SER C 122 -11.19 -11.12 -11.52
N SER C 123 -12.41 -10.92 -12.02
CA SER C 123 -12.64 -10.11 -13.21
C SER C 123 -12.19 -8.66 -12.95
N ALA C 124 -12.47 -8.16 -11.75
CA ALA C 124 -11.97 -6.86 -11.27
C ALA C 124 -10.47 -6.71 -11.49
N ALA C 125 -9.72 -7.71 -11.05
CA ALA C 125 -8.30 -7.79 -11.34
C ALA C 125 -8.05 -7.77 -12.86
N ARG C 126 -8.54 -8.78 -13.59
CA ARG C 126 -8.24 -8.97 -15.00
C ARG C 126 -8.35 -7.66 -15.77
N ASN C 127 -9.29 -6.80 -15.36
CA ASN C 127 -9.64 -5.55 -16.02
C ASN C 127 -9.16 -4.28 -15.29
N GLY C 128 -8.32 -4.40 -14.26
CA GLY C 128 -7.55 -3.25 -13.79
C GLY C 128 -8.39 -2.16 -13.14
N LEU C 129 -9.49 -2.60 -12.53
CA LEU C 129 -10.20 -1.85 -11.51
C LEU C 129 -9.21 -1.39 -10.45
N LEU C 130 -9.38 -0.13 -10.01
CA LEU C 130 -8.48 0.49 -9.07
C LEU C 130 -9.19 0.74 -7.72
N THR C 131 -8.43 0.64 -6.62
CA THR C 131 -8.88 1.10 -5.31
C THR C 131 -8.80 2.62 -5.25
N GLU C 132 -9.35 3.21 -4.18
CA GLU C 132 -9.33 4.64 -4.01
C GLU C 132 -10.08 5.26 -5.19
N HIS C 133 -11.10 4.53 -5.65
CA HIS C 133 -12.03 5.04 -6.64
C HIS C 133 -13.46 4.88 -6.10
N ASN C 134 -14.24 5.96 -6.22
CA ASN C 134 -15.67 5.94 -5.91
C ASN C 134 -16.44 5.38 -7.10
N ILE C 135 -17.34 4.44 -6.80
CA ILE C 135 -18.36 3.92 -7.71
C ILE C 135 -19.39 5.01 -7.91
N CYS C 136 -19.60 5.44 -9.18
CA CYS C 136 -20.50 6.53 -9.53
C CYS C 136 -21.74 6.02 -10.22
N GLU C 137 -21.54 4.97 -11.02
CA GLU C 137 -22.64 4.37 -11.75
C GLU C 137 -22.42 2.88 -11.78
N ILE C 138 -23.56 2.14 -11.88
CA ILE C 138 -23.57 0.76 -12.32
C ILE C 138 -24.49 0.59 -13.53
N ASN C 139 -23.93 0.09 -14.63
CA ASN C 139 -24.65 -0.06 -15.87
C ASN C 139 -25.36 1.23 -16.24
N GLY C 140 -24.70 2.35 -15.98
CA GLY C 140 -25.23 3.62 -16.43
C GLY C 140 -26.22 4.19 -15.44
N GLN C 141 -26.41 3.53 -14.30
CA GLN C 141 -27.30 4.04 -13.28
C GLN C 141 -26.48 4.71 -12.18
N ASN C 142 -26.71 6.00 -11.98
CA ASN C 142 -26.08 6.75 -10.90
C ASN C 142 -26.42 6.08 -9.56
N VAL C 143 -25.42 5.80 -8.72
CA VAL C 143 -25.69 5.19 -7.42
C VAL C 143 -25.13 6.07 -6.32
N ILE C 144 -25.14 7.38 -6.56
CA ILE C 144 -24.44 8.30 -5.68
C ILE C 144 -25.37 8.67 -4.54
N GLY C 145 -24.98 8.25 -3.32
CA GLY C 145 -25.82 8.32 -2.13
C GLY C 145 -26.32 6.95 -1.67
N LEU C 146 -26.73 6.10 -2.60
CA LEU C 146 -27.19 4.78 -2.21
C LEU C 146 -26.19 4.15 -1.24
N LYS C 147 -26.71 3.56 -0.16
CA LYS C 147 -25.91 2.98 0.89
C LYS C 147 -25.19 1.78 0.29
N ASP C 148 -24.21 1.22 1.01
CA ASP C 148 -23.49 0.05 0.50
C ASP C 148 -24.48 -1.09 0.28
N SER C 149 -25.54 -1.15 1.11
CA SER C 149 -26.52 -2.21 1.00
C SER C 149 -27.25 -2.11 -0.35
N GLN C 150 -27.76 -0.90 -0.66
CA GLN C 150 -28.52 -0.65 -1.87
C GLN C 150 -27.61 -0.95 -3.08
N ILE C 151 -26.38 -0.47 -2.98
CA ILE C 151 -25.38 -0.70 -4.00
C ILE C 151 -25.19 -2.19 -4.21
N ALA C 152 -25.01 -2.96 -3.13
CA ALA C 152 -24.65 -4.36 -3.30
C ALA C 152 -25.81 -5.15 -3.90
N ASP C 153 -27.04 -4.75 -3.62
CA ASP C 153 -28.20 -5.42 -4.18
C ASP C 153 -28.17 -5.27 -5.70
N ILE C 154 -27.94 -4.03 -6.13
CA ILE C 154 -27.83 -3.68 -7.54
C ILE C 154 -26.72 -4.49 -8.20
N LEU C 155 -25.63 -4.73 -7.46
CA LEU C 155 -24.57 -5.55 -8.02
C LEU C 155 -25.14 -6.94 -8.28
N SER C 156 -25.87 -7.47 -7.29
CA SER C 156 -26.41 -8.83 -7.37
C SER C 156 -27.56 -8.93 -8.37
N THR C 157 -28.40 -7.88 -8.50
CA THR C 157 -29.56 -7.93 -9.37
C THR C 157 -29.18 -7.59 -10.80
N SER C 158 -28.03 -6.94 -10.98
CA SER C 158 -27.46 -6.78 -12.31
C SER C 158 -26.96 -8.14 -12.77
N GLY C 159 -26.46 -8.20 -14.01
CA GLY C 159 -26.35 -9.48 -14.69
C GLY C 159 -24.95 -10.09 -14.60
N THR C 160 -24.65 -10.97 -15.55
CA THR C 160 -23.35 -11.64 -15.63
C THR C 160 -22.28 -10.59 -15.91
N VAL C 161 -22.68 -9.59 -16.72
CA VAL C 161 -21.79 -8.53 -17.17
C VAL C 161 -22.17 -7.23 -16.46
N VAL C 162 -21.17 -6.53 -15.89
CA VAL C 162 -21.37 -5.37 -15.04
C VAL C 162 -20.43 -4.23 -15.44
N THR C 163 -20.97 -3.05 -15.69
CA THR C 163 -20.16 -1.90 -16.06
C THR C 163 -20.17 -0.84 -14.95
N ILE C 164 -19.14 -0.85 -14.10
CA ILE C 164 -18.97 0.19 -13.08
C ILE C 164 -18.45 1.46 -13.75
N THR C 165 -18.93 2.62 -13.31
CA THR C 165 -18.26 3.86 -13.61
C THR C 165 -17.61 4.38 -12.34
N ILE C 166 -16.28 4.43 -12.35
CA ILE C 166 -15.48 4.81 -11.19
C ILE C 166 -14.82 6.17 -11.44
N MET C 167 -14.58 6.89 -10.36
CA MET C 167 -13.88 8.18 -10.34
C MET C 167 -12.84 8.13 -9.23
N PRO C 168 -11.60 8.67 -9.43
CA PRO C 168 -10.62 8.74 -8.35
C PRO C 168 -11.21 9.39 -7.10
N ALA C 169 -11.01 8.73 -5.97
CA ALA C 169 -11.63 9.16 -4.72
C ALA C 169 -11.37 10.62 -4.37
N PHE C 170 -10.16 11.16 -4.61
N PHE C 170 -10.15 11.13 -4.62
CA PHE C 170 -9.85 12.50 -4.13
CA PHE C 170 -9.77 12.48 -4.21
C PHE C 170 -10.62 13.54 -4.92
C PHE C 170 -10.62 13.52 -4.92
N ILE C 171 -11.08 13.18 -6.12
CA ILE C 171 -11.79 14.09 -6.99
C ILE C 171 -13.26 13.92 -6.70
N PHE C 172 -13.65 12.67 -6.43
CA PHE C 172 -14.99 12.45 -5.94
C PHE C 172 -15.28 13.36 -4.74
N GLU C 173 -14.43 13.28 -3.71
CA GLU C 173 -14.63 14.05 -2.48
C GLU C 173 -14.69 15.53 -2.82
N HIS C 174 -13.89 15.95 -3.80
CA HIS C 174 -13.81 17.36 -4.10
C HIS C 174 -15.14 17.80 -4.65
N ILE C 175 -15.74 16.92 -5.46
CA ILE C 175 -16.97 17.21 -6.17
C ILE C 175 -18.14 17.26 -5.19
N ILE C 176 -18.23 16.37 -4.20
CA ILE C 176 -19.44 16.35 -3.39
C ILE C 176 -19.39 17.41 -2.27
N LYS C 177 -18.30 18.18 -2.15
CA LYS C 177 -18.25 19.34 -1.28
C LYS C 177 -19.26 20.41 -1.73
N ARG C 178 -19.56 21.33 -0.79
CA ARG C 178 -20.55 22.40 -0.91
C ARG C 178 -21.96 21.81 -0.96
N MET C 179 -22.11 20.57 -0.50
CA MET C 179 -23.37 19.86 -0.60
C MET C 179 -23.43 18.85 0.55
N ALA C 180 -24.63 18.69 1.13
CA ALA C 180 -24.80 17.92 2.35
C ALA C 180 -25.14 16.48 1.98
N PRO C 181 -24.63 15.48 2.73
CA PRO C 181 -24.99 14.09 2.48
C PRO C 181 -26.49 13.81 2.52
N SER C 182 -27.24 14.63 3.28
CA SER C 182 -28.68 14.43 3.37
C SER C 182 -29.34 14.84 2.05
N ILE C 183 -28.98 16.03 1.53
CA ILE C 183 -29.56 16.54 0.30
C ILE C 183 -29.12 15.65 -0.87
N MET C 184 -27.85 15.21 -0.86
CA MET C 184 -27.28 14.52 -2.01
C MET C 184 -28.07 13.24 -2.22
N LYS C 185 -28.17 12.46 -1.14
CA LYS C 185 -28.83 11.17 -1.14
C LYS C 185 -30.30 11.31 -1.56
N SER C 186 -30.92 12.43 -1.18
CA SER C 186 -32.36 12.57 -1.30
C SER C 186 -32.74 13.04 -2.69
N LEU C 187 -31.91 13.87 -3.34
CA LEU C 187 -32.27 14.52 -4.59
C LEU C 187 -31.62 13.86 -5.81
N MET C 188 -30.45 13.23 -5.63
CA MET C 188 -29.64 12.72 -6.72
C MET C 188 -30.41 11.73 -7.61
N ASP C 189 -30.49 12.07 -8.92
CA ASP C 189 -31.02 11.21 -9.96
C ASP C 189 -30.46 9.79 -9.82
N HIS C 190 -31.33 8.79 -9.76
CA HIS C 190 -30.92 7.41 -9.88
C HIS C 190 -31.84 6.75 -10.87
N THR C 191 -32.42 7.58 -11.76
CA THR C 191 -33.27 7.14 -12.86
C THR C 191 -32.59 5.99 -13.59
N ILE C 192 -33.40 5.24 -14.35
CA ILE C 192 -32.91 4.45 -15.46
C ILE C 192 -33.65 4.93 -16.69
N PRO C 193 -33.02 5.73 -17.58
CA PRO C 193 -33.73 6.29 -18.74
C PRO C 193 -34.39 5.22 -19.59
N GLU C 194 -33.62 4.19 -19.98
CA GLU C 194 -34.03 3.22 -20.99
C GLU C 194 -33.56 1.83 -20.55
N VAL C 195 -34.29 0.78 -20.98
CA VAL C 195 -33.94 -0.59 -20.64
C VAL C 195 -33.80 -1.42 -21.93
N ILE D 5 -23.23 -23.20 25.13
CA ILE D 5 -23.26 -22.90 26.59
C ILE D 5 -24.22 -23.90 27.24
N LYS D 6 -23.69 -25.08 27.56
CA LYS D 6 -24.45 -26.28 27.87
C LYS D 6 -25.02 -26.23 29.29
N GLN D 7 -26.35 -26.35 29.39
CA GLN D 7 -27.05 -26.50 30.66
C GLN D 7 -26.58 -27.79 31.33
N GLY D 8 -26.65 -27.80 32.66
CA GLY D 8 -26.04 -28.87 33.43
C GLY D 8 -24.56 -28.59 33.69
N ILE D 9 -23.90 -29.61 34.25
CA ILE D 9 -22.63 -29.46 34.94
C ILE D 9 -21.60 -30.38 34.27
N ARG D 10 -20.51 -29.80 33.77
CA ARG D 10 -19.50 -30.57 33.05
C ARG D 10 -18.31 -30.88 33.96
N GLU D 11 -18.21 -32.16 34.38
CA GLU D 11 -17.04 -32.63 35.12
C GLU D 11 -15.87 -32.76 34.16
N VAL D 12 -14.72 -32.18 34.57
CA VAL D 12 -13.43 -32.38 33.93
C VAL D 12 -12.44 -32.98 34.93
N ILE D 13 -11.48 -33.74 34.36
CA ILE D 13 -10.24 -34.21 35.01
C ILE D 13 -9.04 -33.55 34.30
N LEU D 14 -8.06 -33.08 35.09
CA LEU D 14 -6.92 -32.33 34.57
C LEU D 14 -5.65 -32.93 35.16
N CYS D 15 -4.51 -32.56 34.58
CA CYS D 15 -3.22 -32.82 35.19
C CYS D 15 -2.36 -31.57 35.12
N LYS D 16 -1.52 -31.41 36.15
CA LYS D 16 -0.61 -30.28 36.21
C LYS D 16 0.28 -30.35 34.97
N ASP D 17 0.78 -29.20 34.52
CA ASP D 17 1.89 -29.17 33.56
C ASP D 17 3.17 -29.44 34.34
N GLN D 18 4.33 -29.47 33.66
CA GLN D 18 5.63 -29.70 34.28
C GLN D 18 6.01 -28.59 35.28
N ASP D 19 5.55 -27.36 35.07
CA ASP D 19 5.82 -26.27 36.00
C ASP D 19 4.90 -26.30 37.23
N GLY D 20 3.92 -27.21 37.23
CA GLY D 20 2.95 -27.35 38.31
C GLY D 20 1.69 -26.50 38.11
N LYS D 21 1.58 -25.81 36.96
CA LYS D 21 0.41 -25.00 36.63
C LYS D 21 -0.68 -25.91 36.05
N ILE D 22 -1.94 -25.48 36.17
CA ILE D 22 -2.99 -25.96 35.30
C ILE D 22 -3.35 -24.88 34.29
N GLY D 23 -2.85 -23.66 34.50
CA GLY D 23 -3.13 -22.58 33.56
C GLY D 23 -4.57 -22.07 33.70
N LEU D 24 -4.86 -21.50 34.88
CA LEU D 24 -6.07 -20.73 35.18
C LEU D 24 -5.69 -19.45 35.93
N ARG D 25 -6.57 -18.44 35.84
CA ARG D 25 -6.70 -17.41 36.87
C ARG D 25 -8.14 -17.36 37.39
N LEU D 26 -8.34 -16.72 38.56
CA LEU D 26 -9.64 -16.84 39.21
C LEU D 26 -10.01 -15.55 39.96
N LYS D 27 -11.31 -15.21 39.93
CA LYS D 27 -11.81 -14.07 40.69
C LYS D 27 -13.12 -14.46 41.35
N SER D 28 -13.26 -14.04 42.63
CA SER D 28 -14.46 -14.30 43.43
C SER D 28 -15.54 -13.32 43.01
N ILE D 29 -16.70 -13.86 42.66
CA ILE D 29 -17.84 -13.07 42.27
C ILE D 29 -19.07 -13.76 42.84
N ASP D 30 -19.89 -12.95 43.54
CA ASP D 30 -21.16 -13.36 44.12
C ASP D 30 -21.01 -14.69 44.87
N ASN D 31 -19.86 -14.90 45.54
CA ASN D 31 -19.54 -16.11 46.29
C ASN D 31 -19.55 -17.33 45.37
N GLY D 32 -19.26 -17.08 44.10
CA GLY D 32 -18.79 -18.09 43.16
C GLY D 32 -17.33 -17.84 42.80
N ILE D 33 -16.66 -18.91 42.35
CA ILE D 33 -15.33 -18.84 41.77
C ILE D 33 -15.47 -18.95 40.25
N PHE D 34 -14.95 -17.92 39.57
CA PHE D 34 -15.06 -17.81 38.12
C PHE D 34 -13.66 -17.78 37.51
N VAL D 35 -13.53 -18.41 36.32
CA VAL D 35 -12.29 -18.39 35.56
C VAL D 35 -12.14 -16.99 34.96
N GLN D 36 -11.17 -16.28 35.47
CA GLN D 36 -10.80 -15.00 34.92
C GLN D 36 -9.81 -15.19 33.76
N LEU D 37 -9.32 -16.44 33.54
CA LEU D 37 -8.29 -16.68 32.52
C LEU D 37 -8.07 -18.18 32.23
N VAL D 38 -8.25 -18.56 30.96
CA VAL D 38 -7.76 -19.84 30.42
C VAL D 38 -6.44 -19.51 29.71
N GLN D 39 -5.38 -20.29 29.92
CA GLN D 39 -4.12 -20.04 29.20
C GLN D 39 -4.04 -20.90 27.92
N ALA D 40 -3.56 -20.26 26.86
CA ALA D 40 -3.11 -20.98 25.68
C ALA D 40 -2.09 -22.02 26.15
N ASN D 41 -2.29 -23.26 25.68
CA ASN D 41 -1.39 -24.36 25.95
C ASN D 41 -1.87 -25.09 27.20
N SER D 42 -2.54 -24.38 28.14
CA SER D 42 -2.78 -24.87 29.50
C SER D 42 -3.51 -26.21 29.48
N PRO D 43 -3.27 -27.06 30.50
CA PRO D 43 -4.14 -28.22 30.78
C PRO D 43 -5.62 -27.85 30.93
N ALA D 44 -5.88 -26.65 31.47
CA ALA D 44 -7.20 -26.04 31.42
C ALA D 44 -7.69 -26.08 29.97
N SER D 45 -7.00 -25.38 29.07
CA SER D 45 -7.42 -25.31 27.67
C SER D 45 -7.90 -26.69 27.24
N LEU D 46 -7.01 -27.68 27.36
CA LEU D 46 -7.11 -28.95 26.64
C LEU D 46 -8.29 -29.81 27.12
N VAL D 47 -8.77 -29.67 28.36
CA VAL D 47 -9.98 -30.41 28.74
C VAL D 47 -11.22 -29.55 28.53
N GLY D 48 -11.06 -28.27 28.13
CA GLY D 48 -12.17 -27.50 27.60
C GLY D 48 -12.65 -26.41 28.55
N LEU D 49 -11.72 -25.86 29.34
CA LEU D 49 -12.03 -24.78 30.25
C LEU D 49 -12.00 -23.47 29.47
N ARG D 50 -13.17 -22.78 29.54
CA ARG D 50 -13.37 -21.45 29.00
C ARG D 50 -13.47 -20.45 30.15
N PHE D 51 -12.88 -19.27 29.86
CA PHE D 51 -13.08 -18.03 30.60
C PHE D 51 -14.55 -17.91 31.02
N GLY D 52 -14.76 -17.37 32.24
CA GLY D 52 -16.08 -17.08 32.77
C GLY D 52 -16.86 -18.32 33.21
N ASP D 53 -16.25 -19.51 33.19
CA ASP D 53 -16.89 -20.68 33.73
C ASP D 53 -16.81 -20.62 35.25
N GLN D 54 -17.63 -21.45 35.88
CA GLN D 54 -17.78 -21.44 37.32
C GLN D 54 -17.21 -22.76 37.85
N VAL D 55 -16.45 -22.71 38.96
CA VAL D 55 -15.89 -23.92 39.54
C VAL D 55 -16.70 -24.37 40.76
N LEU D 56 -17.63 -25.30 40.55
CA LEU D 56 -18.52 -25.73 41.62
C LEU D 56 -17.80 -26.58 42.67
N GLN D 57 -17.11 -27.64 42.26
CA GLN D 57 -16.29 -28.42 43.18
C GLN D 57 -14.82 -28.30 42.77
N ILE D 58 -13.93 -28.65 43.70
CA ILE D 58 -12.56 -29.07 43.39
C ILE D 58 -12.28 -30.28 44.27
N ASN D 59 -12.00 -31.41 43.61
CA ASN D 59 -11.73 -32.66 44.30
C ASN D 59 -12.88 -32.94 45.27
N GLY D 60 -14.13 -32.71 44.80
CA GLY D 60 -15.33 -32.86 45.61
C GLY D 60 -15.70 -31.62 46.42
N GLU D 61 -14.74 -30.72 46.68
CA GLU D 61 -14.90 -29.63 47.63
C GLU D 61 -15.55 -28.40 46.99
N ASN D 62 -16.78 -28.09 47.44
CA ASN D 62 -17.50 -26.86 47.12
C ASN D 62 -16.59 -25.64 47.25
N CYS D 63 -16.65 -24.76 46.25
CA CYS D 63 -15.68 -23.68 46.12
C CYS D 63 -16.29 -22.37 46.61
N ALA D 64 -17.57 -22.44 47.00
CA ALA D 64 -18.39 -21.29 47.31
C ALA D 64 -17.79 -20.46 48.45
N GLY D 65 -17.86 -19.13 48.33
CA GLY D 65 -17.45 -18.24 49.40
C GLY D 65 -15.95 -17.94 49.38
N TRP D 66 -15.15 -18.80 48.71
CA TRP D 66 -13.71 -18.74 48.80
C TRP D 66 -13.25 -17.40 48.23
N SER D 67 -12.25 -16.79 48.85
CA SER D 67 -11.73 -15.57 48.28
C SER D 67 -10.92 -15.97 47.04
N SER D 68 -10.50 -14.98 46.25
CA SER D 68 -9.63 -15.25 45.12
C SER D 68 -8.38 -15.97 45.66
N ASP D 69 -7.70 -15.31 46.62
CA ASP D 69 -6.46 -15.76 47.25
C ASP D 69 -6.58 -17.17 47.79
N LYS D 70 -7.75 -17.49 48.34
CA LYS D 70 -7.97 -18.85 48.80
C LYS D 70 -7.75 -19.79 47.64
N ALA D 71 -8.69 -19.80 46.68
CA ALA D 71 -8.87 -20.93 45.77
C ALA D 71 -7.67 -21.08 44.83
N HIS D 72 -6.84 -20.05 44.68
CA HIS D 72 -5.49 -20.20 44.18
C HIS D 72 -4.75 -21.34 44.89
N LYS D 73 -4.53 -21.16 46.20
CA LYS D 73 -3.70 -22.04 47.00
C LYS D 73 -4.24 -23.48 46.92
N VAL D 74 -5.53 -23.61 47.20
CA VAL D 74 -6.21 -24.88 47.06
C VAL D 74 -5.76 -25.62 45.79
N LEU D 75 -5.34 -24.90 44.73
CA LEU D 75 -4.91 -25.52 43.48
C LEU D 75 -3.40 -25.76 43.44
N LYS D 76 -2.62 -24.79 43.93
CA LYS D 76 -1.19 -24.98 44.12
C LYS D 76 -0.93 -26.23 44.99
N GLN D 77 -1.52 -26.26 46.20
CA GLN D 77 -1.25 -27.29 47.19
C GLN D 77 -2.07 -28.57 46.95
N ALA D 78 -2.58 -28.80 45.74
CA ALA D 78 -3.16 -30.08 45.41
C ALA D 78 -2.11 -31.00 44.78
N PHE D 79 -2.30 -32.31 44.95
CA PHE D 79 -1.65 -33.30 44.10
C PHE D 79 -2.23 -33.13 42.69
N GLY D 80 -1.37 -32.80 41.73
CA GLY D 80 -1.83 -32.39 40.41
C GLY D 80 -2.09 -33.56 39.47
N GLU D 81 -1.84 -34.78 39.97
CA GLU D 81 -1.88 -35.98 39.16
C GLU D 81 -3.34 -36.31 38.81
N LYS D 82 -4.29 -35.88 39.65
CA LYS D 82 -5.71 -35.98 39.32
C LYS D 82 -6.50 -34.88 40.04
N ILE D 83 -6.86 -33.84 39.27
CA ILE D 83 -7.69 -32.74 39.75
C ILE D 83 -9.12 -32.94 39.25
N THR D 84 -10.08 -33.05 40.16
CA THR D 84 -11.49 -33.15 39.79
C THR D 84 -12.14 -31.78 39.91
N MET D 85 -12.21 -31.08 38.78
CA MET D 85 -12.95 -29.82 38.72
C MET D 85 -14.33 -30.11 38.15
N THR D 86 -15.35 -29.98 38.99
CA THR D 86 -16.71 -29.86 38.48
C THR D 86 -16.82 -28.40 38.03
N ILE D 87 -17.25 -28.19 36.77
CA ILE D 87 -17.38 -26.86 36.18
C ILE D 87 -18.82 -26.64 35.73
N ARG D 88 -19.27 -25.37 35.82
CA ARG D 88 -20.53 -24.95 35.23
C ARG D 88 -20.17 -23.97 34.12
N ASP D 89 -20.95 -24.08 33.02
CA ASP D 89 -20.59 -23.57 31.70
C ASP D 89 -20.98 -22.11 31.59
N ARG D 90 -19.94 -21.28 31.41
CA ARG D 90 -19.99 -19.85 31.09
C ARG D 90 -21.32 -19.25 31.49
N PRO D 91 -21.59 -19.10 32.81
CA PRO D 91 -22.92 -18.77 33.30
C PRO D 91 -23.29 -17.28 33.20
N PHE D 92 -22.30 -16.38 33.18
CA PHE D 92 -22.61 -14.97 32.98
C PHE D 92 -22.60 -14.55 31.50
N GLU D 93 -22.79 -15.49 30.55
CA GLU D 93 -22.52 -15.21 29.14
C GLU D 93 -23.63 -15.77 28.26
N ARG D 94 -23.77 -15.20 27.06
CA ARG D 94 -24.78 -15.65 26.11
C ARG D 94 -24.24 -15.48 24.68
N THR D 95 -24.65 -16.38 23.78
CA THR D 95 -24.15 -16.39 22.40
C THR D 95 -25.24 -15.88 21.45
N ILE D 96 -24.88 -14.93 20.58
CA ILE D 96 -25.82 -14.40 19.60
C ILE D 96 -25.44 -14.81 18.17
N THR D 97 -26.10 -15.87 17.63
CA THR D 97 -26.05 -16.28 16.23
C THR D 97 -26.61 -15.17 15.32
N MET D 98 -25.76 -14.68 14.40
CA MET D 98 -26.12 -13.66 13.43
C MET D 98 -25.63 -14.08 12.02
N HIS D 99 -26.50 -13.93 11.01
CA HIS D 99 -26.11 -14.08 9.61
C HIS D 99 -25.66 -12.71 9.10
N LYS D 100 -24.51 -12.69 8.41
CA LYS D 100 -23.93 -11.47 7.88
C LYS D 100 -24.70 -10.96 6.66
N ASP D 101 -24.53 -9.68 6.34
CA ASP D 101 -25.32 -9.07 5.30
C ASP D 101 -24.58 -9.15 3.96
N SER D 102 -25.04 -8.36 2.99
CA SER D 102 -24.43 -8.25 1.68
C SER D 102 -23.02 -7.68 1.81
N THR D 103 -22.88 -6.57 2.56
CA THR D 103 -21.60 -5.91 2.77
C THR D 103 -20.82 -6.52 3.95
N GLY D 104 -20.91 -7.85 4.14
CA GLY D 104 -20.11 -8.58 5.12
C GLY D 104 -20.52 -8.42 6.59
N HIS D 105 -21.52 -7.56 6.87
CA HIS D 105 -21.75 -7.00 8.20
C HIS D 105 -22.92 -7.66 8.93
N VAL D 106 -23.00 -7.33 10.24
CA VAL D 106 -24.11 -7.71 11.11
C VAL D 106 -24.64 -6.48 11.85
N GLY D 107 -23.81 -5.44 11.99
CA GLY D 107 -24.33 -4.12 12.31
C GLY D 107 -24.46 -3.85 13.80
N PHE D 108 -23.32 -3.43 14.37
CA PHE D 108 -23.27 -2.75 15.66
C PHE D 108 -21.95 -1.99 15.78
N ILE D 109 -21.86 -1.07 16.75
CA ILE D 109 -20.73 -0.16 16.94
C ILE D 109 -20.19 -0.34 18.35
N PHE D 110 -18.99 -0.92 18.43
CA PHE D 110 -18.42 -1.40 19.67
C PHE D 110 -17.07 -0.73 19.92
N LYS D 111 -16.95 -0.14 21.12
CA LYS D 111 -15.72 0.40 21.64
C LYS D 111 -15.24 -0.42 22.86
N ASN D 112 -13.91 -0.55 22.95
CA ASN D 112 -13.16 -1.24 23.99
C ASN D 112 -13.73 -2.63 24.20
N GLY D 113 -14.33 -3.21 23.15
CA GLY D 113 -14.86 -4.57 23.21
C GLY D 113 -16.29 -4.65 23.76
N LYS D 114 -16.75 -3.56 24.38
CA LYS D 114 -18.10 -3.41 24.89
C LYS D 114 -19.03 -2.83 23.81
N ILE D 115 -20.13 -3.54 23.46
CA ILE D 115 -21.06 -3.11 22.41
C ILE D 115 -21.77 -1.82 22.82
N THR D 116 -22.05 -0.92 21.86
CA THR D 116 -22.54 0.41 22.20
C THR D 116 -23.63 0.97 21.29
N SER D 117 -23.82 0.42 20.09
CA SER D 117 -25.03 0.76 19.37
C SER D 117 -25.43 -0.38 18.44
N ILE D 118 -26.72 -0.75 18.45
CA ILE D 118 -27.27 -1.66 17.45
C ILE D 118 -27.69 -0.82 16.26
N VAL D 119 -27.59 -1.41 15.06
CA VAL D 119 -27.91 -0.68 13.84
C VAL D 119 -29.31 -1.08 13.38
N LYS D 120 -30.10 -0.07 13.03
CA LYS D 120 -31.46 -0.25 12.54
C LYS D 120 -31.47 -1.32 11.46
N ASP D 121 -32.43 -2.25 11.60
CA ASP D 121 -32.69 -3.26 10.59
C ASP D 121 -31.39 -4.06 10.36
N SER D 122 -30.50 -4.09 11.36
CA SER D 122 -29.31 -4.92 11.31
C SER D 122 -29.66 -6.36 11.63
N SER D 123 -28.67 -7.25 11.55
CA SER D 123 -28.87 -8.62 11.95
C SER D 123 -28.77 -8.68 13.47
N ALA D 124 -28.03 -7.74 14.03
CA ALA D 124 -27.84 -7.57 15.46
C ALA D 124 -29.10 -6.97 16.12
N ALA D 125 -29.86 -6.20 15.34
CA ALA D 125 -31.20 -5.76 15.75
C ALA D 125 -32.13 -6.97 15.73
N ARG D 126 -32.21 -7.67 14.60
CA ARG D 126 -33.10 -8.80 14.45
C ARG D 126 -32.85 -9.86 15.53
N ASN D 127 -31.60 -10.00 15.97
CA ASN D 127 -31.25 -11.05 16.91
C ASN D 127 -31.05 -10.48 18.32
N GLY D 128 -31.38 -9.20 18.51
CA GLY D 128 -31.58 -8.63 19.83
C GLY D 128 -30.28 -8.51 20.62
N LEU D 129 -29.21 -8.18 19.89
CA LEU D 129 -27.96 -7.83 20.50
C LEU D 129 -28.20 -6.62 21.39
N LEU D 130 -27.54 -6.58 22.55
CA LEU D 130 -27.72 -5.52 23.52
C LEU D 130 -26.47 -4.68 23.59
N THR D 131 -26.63 -3.45 24.10
CA THR D 131 -25.47 -2.64 24.40
C THR D 131 -25.10 -2.86 25.87
N GLU D 132 -24.01 -2.21 26.28
CA GLU D 132 -23.45 -2.41 27.60
C GLU D 132 -23.21 -3.91 27.81
N HIS D 133 -22.94 -4.64 26.72
CA HIS D 133 -22.51 -6.02 26.83
C HIS D 133 -21.11 -6.14 26.22
N ASN D 134 -20.41 -7.22 26.57
CA ASN D 134 -19.00 -7.38 26.22
C ASN D 134 -18.82 -8.63 25.38
N ILE D 135 -17.89 -8.57 24.41
CA ILE D 135 -17.61 -9.73 23.58
C ILE D 135 -16.60 -10.61 24.31
N CYS D 136 -16.84 -11.92 24.25
CA CYS D 136 -16.06 -12.90 24.98
C CYS D 136 -15.51 -13.93 23.99
N GLU D 137 -16.41 -14.57 23.25
CA GLU D 137 -16.03 -15.56 22.27
C GLU D 137 -16.55 -15.12 20.90
N ILE D 138 -15.90 -15.63 19.85
CA ILE D 138 -16.40 -15.56 18.48
C ILE D 138 -16.33 -16.98 17.95
N ASN D 139 -17.52 -17.48 17.54
CA ASN D 139 -17.81 -18.86 17.14
C ASN D 139 -17.12 -19.85 18.08
N GLY D 140 -17.30 -19.65 19.39
CA GLY D 140 -16.68 -20.48 20.42
C GLY D 140 -15.31 -19.97 20.87
N GLN D 141 -14.66 -19.10 20.05
CA GLN D 141 -13.27 -18.76 20.24
C GLN D 141 -13.12 -17.49 21.07
N ASN D 142 -12.34 -17.61 22.16
CA ASN D 142 -12.09 -16.53 23.11
C ASN D 142 -11.29 -15.43 22.41
N VAL D 143 -11.69 -14.19 22.67
CA VAL D 143 -11.20 -13.00 22.00
C VAL D 143 -10.97 -11.86 23.00
N ILE D 144 -10.97 -12.19 24.29
CA ILE D 144 -11.02 -11.19 25.35
C ILE D 144 -9.63 -10.64 25.62
N GLY D 145 -9.48 -9.30 25.50
CA GLY D 145 -8.22 -8.62 25.74
C GLY D 145 -7.61 -8.06 24.45
N LEU D 146 -7.77 -8.83 23.37
CA LEU D 146 -7.31 -8.49 22.03
C LEU D 146 -7.63 -7.04 21.65
N LYS D 147 -7.29 -6.68 20.42
CA LYS D 147 -7.67 -5.41 19.84
C LYS D 147 -8.94 -5.58 18.99
N ASP D 148 -9.87 -4.64 19.13
CA ASP D 148 -11.15 -4.68 18.43
C ASP D 148 -10.91 -4.78 16.93
N SER D 149 -9.76 -4.21 16.53
CA SER D 149 -9.28 -4.29 15.17
C SER D 149 -9.21 -5.75 14.75
N GLN D 150 -8.66 -6.53 15.69
CA GLN D 150 -8.40 -7.95 15.52
C GLN D 150 -9.73 -8.68 15.68
N ILE D 151 -10.61 -8.09 16.48
CA ILE D 151 -11.95 -8.63 16.58
C ILE D 151 -12.62 -8.35 15.23
N ALA D 152 -12.68 -7.08 14.81
CA ALA D 152 -13.02 -6.79 13.42
C ALA D 152 -12.53 -7.96 12.55
N ASP D 153 -11.24 -8.33 12.67
CA ASP D 153 -10.66 -9.31 11.76
C ASP D 153 -11.32 -10.67 11.92
N ILE D 154 -11.43 -11.16 13.16
CA ILE D 154 -11.95 -12.50 13.46
C ILE D 154 -13.43 -12.61 13.09
N LEU D 155 -14.17 -11.51 13.26
CA LEU D 155 -15.54 -11.45 12.79
C LEU D 155 -15.51 -11.74 11.28
N SER D 156 -14.64 -10.98 10.58
CA SER D 156 -14.64 -10.90 9.14
C SER D 156 -14.53 -12.30 8.58
N THR D 157 -13.66 -13.11 9.21
CA THR D 157 -13.27 -14.41 8.69
C THR D 157 -14.21 -15.50 9.19
N SER D 158 -15.31 -15.08 9.82
CA SER D 158 -16.40 -16.00 10.12
C SER D 158 -17.05 -16.44 8.82
N GLY D 159 -17.60 -17.66 8.80
CA GLY D 159 -18.66 -17.96 7.85
C GLY D 159 -19.67 -16.82 7.77
N THR D 160 -20.68 -16.94 6.89
CA THR D 160 -21.88 -16.13 6.97
C THR D 160 -22.36 -16.08 8.43
N VAL D 161 -22.63 -17.26 9.01
CA VAL D 161 -23.04 -17.42 10.39
C VAL D 161 -21.91 -16.93 11.30
N VAL D 162 -22.16 -15.80 12.00
CA VAL D 162 -21.30 -15.24 13.05
C VAL D 162 -21.99 -15.35 14.41
N THR D 163 -21.79 -16.49 15.09
CA THR D 163 -22.25 -16.64 16.45
C THR D 163 -21.22 -15.96 17.36
N ILE D 164 -21.63 -14.97 18.16
CA ILE D 164 -20.71 -14.36 19.11
C ILE D 164 -21.25 -14.48 20.54
N THR D 165 -20.46 -14.03 21.52
CA THR D 165 -20.71 -14.38 22.92
C THR D 165 -20.51 -13.13 23.78
N ILE D 166 -21.54 -12.82 24.58
CA ILE D 166 -21.58 -11.56 25.31
C ILE D 166 -21.80 -11.76 26.82
N MET D 167 -21.28 -10.73 27.52
CA MET D 167 -21.35 -10.57 28.95
C MET D 167 -21.81 -9.14 29.28
N PRO D 168 -22.88 -8.98 30.11
CA PRO D 168 -23.23 -7.67 30.66
C PRO D 168 -22.03 -6.93 31.28
N ALA D 169 -21.93 -5.64 30.95
CA ALA D 169 -20.75 -4.88 31.26
C ALA D 169 -20.42 -4.93 32.75
N PHE D 170 -21.31 -4.38 33.59
N PHE D 170 -21.28 -4.40 33.61
CA PHE D 170 -21.08 -4.23 35.03
CA PHE D 170 -20.95 -4.18 35.02
C PHE D 170 -20.32 -5.42 35.59
C PHE D 170 -20.31 -5.44 35.62
N ILE D 171 -20.58 -6.60 35.01
CA ILE D 171 -20.01 -7.86 35.45
C ILE D 171 -18.62 -8.03 34.88
N PHE D 172 -18.49 -8.11 33.56
CA PHE D 172 -17.18 -8.23 32.92
C PHE D 172 -16.15 -7.46 33.73
N GLU D 173 -16.41 -6.16 33.94
CA GLU D 173 -15.55 -5.33 34.76
C GLU D 173 -15.18 -6.09 36.04
N HIS D 174 -16.20 -6.45 36.83
CA HIS D 174 -16.00 -7.15 38.08
C HIS D 174 -15.17 -8.43 37.90
N ILE D 175 -15.26 -9.08 36.73
CA ILE D 175 -14.52 -10.31 36.49
C ILE D 175 -13.07 -9.94 36.17
N ILE D 176 -12.91 -8.93 35.32
CA ILE D 176 -11.59 -8.53 34.84
C ILE D 176 -10.90 -7.59 35.84
N LYS D 177 -11.34 -7.52 37.10
CA LYS D 177 -10.61 -6.76 38.10
C LYS D 177 -9.55 -7.64 38.75
N ARG D 178 -8.40 -7.03 39.07
CA ARG D 178 -7.27 -7.70 39.70
C ARG D 178 -6.61 -8.69 38.73
N MET D 179 -6.39 -8.25 37.47
CA MET D 179 -5.74 -9.05 36.43
C MET D 179 -5.07 -8.08 35.46
N ALA D 180 -3.76 -8.33 35.22
CA ALA D 180 -2.85 -7.38 34.57
C ALA D 180 -3.16 -7.28 33.08
N PRO D 181 -3.48 -6.07 32.58
CA PRO D 181 -3.77 -5.91 31.16
C PRO D 181 -2.90 -6.88 30.38
N SER D 182 -1.60 -6.90 30.77
CA SER D 182 -0.49 -7.54 30.09
C SER D 182 -0.61 -9.06 30.07
N ILE D 183 -1.05 -9.63 31.21
CA ILE D 183 -1.18 -11.07 31.39
C ILE D 183 -2.29 -11.61 30.48
N MET D 184 -3.49 -11.02 30.64
CA MET D 184 -4.63 -11.24 29.78
C MET D 184 -4.14 -11.38 28.34
N LYS D 185 -3.53 -10.29 27.84
CA LYS D 185 -3.02 -10.14 26.48
C LYS D 185 -1.93 -11.16 26.16
N SER D 186 -1.08 -11.50 27.14
CA SER D 186 -0.04 -12.49 26.94
C SER D 186 -0.60 -13.93 27.01
N LEU D 187 -1.33 -14.30 28.08
CA LEU D 187 -1.56 -15.72 28.36
C LEU D 187 -2.87 -16.24 27.74
N MET D 188 -3.76 -15.33 27.28
CA MET D 188 -5.17 -15.64 27.08
C MET D 188 -5.38 -16.47 25.82
N ASP D 189 -5.87 -17.71 26.04
CA ASP D 189 -6.22 -18.74 25.05
C ASP D 189 -7.12 -18.16 23.96
N HIS D 190 -6.57 -17.96 22.73
CA HIS D 190 -7.34 -17.54 21.57
C HIS D 190 -7.39 -18.66 20.53
N THR D 191 -7.11 -19.88 20.97
CA THR D 191 -6.84 -21.00 20.07
C THR D 191 -8.14 -21.54 19.47
N ILE D 192 -8.12 -21.78 18.17
CA ILE D 192 -9.25 -22.35 17.47
C ILE D 192 -9.01 -23.85 17.24
N PRO D 193 -10.08 -24.67 17.11
CA PRO D 193 -9.91 -26.08 16.74
C PRO D 193 -9.42 -26.28 15.31
N GLU D 194 -9.81 -25.38 14.38
CA GLU D 194 -9.32 -25.45 13.01
C GLU D 194 -9.45 -24.12 12.28
N VAL D 195 -8.79 -24.02 11.13
CA VAL D 195 -9.07 -22.95 10.19
C VAL D 195 -9.65 -23.53 8.88
#